data_5KKB
#
_entry.id   5KKB
#
_cell.length_a   94.955
_cell.length_b   131.487
_cell.length_c   87.785
_cell.angle_alpha   90.00
_cell.angle_beta   90.00
_cell.angle_gamma   90.00
#
_symmetry.space_group_name_H-M   'P 21 21 2'
#
loop_
_entity.id
_entity.type
_entity.pdbx_description
1 polymer 'Mannosyl-oligosaccharide 1,2-alpha-mannosidase IA'
2 branched alpha-D-mannopyranose-(1-2)-alpha-D-mannopyranose-(1-2)-alpha-D-mannopyranose-(1-3)-[alpha-D-mannopyranose-(1-2)-alpha-D-mannopyranose-(1-3)-[alpha-D-mannopyranose-(1-6)]alpha-D-mannopyranose-(1-6)]beta-D-mannopyranose-(1-4)-2-acetamido-2-deoxy-beta-D-glucopyranose
3 non-polymer 2-acetamido-2-deoxy-beta-D-glucopyranose
4 non-polymer 'LANTHANUM (III) ION'
5 non-polymer 3-PYRIDINIUM-1-YLPROPANE-1-SULFONATE
6 non-polymer 1,4-BUTANEDIOL
7 water water
#
_entity_poly.entity_id   1
_entity_poly.type   'polypeptide(L)'
_entity_poly.pdbx_seq_one_letter_code
;VDFLPPVGVENREPADATIREKRAKIKEMMTHAWNNYKRYAWGLNELKPISKEGHSSSLFGNIKGATIVDALDTLFIMGM
KTEFQEAKSWIKKYLDFNVNAEVSVFEVNIRFVGGLLSAYYLSGEEIFRKKAVELGVKLLPAFHTPSGIPWALLNMKSGI
GRNWPWASGGSSILAEFGTLHLEFMHLSHLSGDPVFAEKVMKIRTVLNKLDKPEGLYPNYLNPSSGQWGQHHVSVGGLGD
SFYEYLLKAWLMSDKTDLEAKKMYFDAVQAIETHLIRKSSGGLTYIAEWKGGLLEHKMGHLTCFAGGMFALGADGAPEAR
AQHYLELGAEIARTCHESYNRTYVKLGPEAFRFDGGVEAIATRQNEKYYILRPEVIETYMYMWRLTHDPKYRTWAWEAVE
ALESHCRVNGGYSGLRDVYIARESYDDVQQSFFLAETLKYLYLIFSDDDLLPLEHWIFNTEAHPFPILR
;
_entity_poly.pdbx_strand_id   A,B
#
# COMPACT_ATOMS: atom_id res chain seq x y z
N VAL A 1 11.43 12.46 -27.06
CA VAL A 1 12.83 12.11 -26.79
C VAL A 1 13.09 12.10 -25.28
N ASP A 2 12.40 12.96 -24.54
CA ASP A 2 12.64 13.13 -23.12
C ASP A 2 11.40 12.80 -22.30
N PHE A 3 11.64 12.28 -21.10
CA PHE A 3 10.55 11.79 -20.27
C PHE A 3 9.72 12.93 -19.70
N LEU A 4 8.40 12.79 -19.78
CA LEU A 4 7.40 13.66 -19.22
C LEU A 4 6.62 12.90 -18.15
N PRO A 5 6.31 13.52 -17.01
CA PRO A 5 5.56 12.81 -15.97
C PRO A 5 4.25 12.29 -16.53
N PRO A 6 3.87 11.05 -16.17
CA PRO A 6 2.67 10.45 -16.76
C PRO A 6 1.40 11.11 -16.23
N VAL A 7 0.42 11.26 -17.13
CA VAL A 7 -0.90 11.78 -16.79
C VAL A 7 -1.78 10.64 -16.30
N GLY A 8 -2.58 10.90 -15.26
CA GLY A 8 -3.59 9.94 -14.84
C GLY A 8 -3.07 8.76 -14.07
N VAL A 9 -1.97 8.93 -13.35
CA VAL A 9 -1.43 7.85 -12.51
C VAL A 9 -1.69 8.09 -11.05
N GLU A 10 -2.19 9.27 -10.67
CA GLU A 10 -2.57 9.51 -9.28
C GLU A 10 -3.68 8.56 -8.88
N ASN A 11 -3.43 7.81 -7.83
CA ASN A 11 -4.30 6.73 -7.38
C ASN A 11 -5.04 7.20 -6.14
N ARG A 12 -6.32 7.52 -6.28
CA ARG A 12 -7.16 7.92 -5.15
C ARG A 12 -8.01 6.74 -4.71
N GLU A 13 -8.20 6.60 -3.40
CA GLU A 13 -9.16 5.61 -2.91
C GLU A 13 -10.55 5.96 -3.41
N PRO A 14 -11.30 5.00 -3.95
CA PRO A 14 -12.71 5.25 -4.29
C PRO A 14 -13.48 5.77 -3.09
N ALA A 15 -14.56 6.52 -3.38
CA ALA A 15 -15.32 7.19 -2.33
C ALA A 15 -16.26 6.25 -1.58
N ASP A 16 -16.65 5.13 -2.20
CA ASP A 16 -17.54 4.18 -1.55
C ASP A 16 -16.73 3.10 -0.85
N ALA A 17 -17.09 2.81 0.42
CA ALA A 17 -16.27 1.91 1.22
C ALA A 17 -16.24 0.50 0.64
N THR A 18 -17.36 0.02 0.11
CA THR A 18 -17.37 -1.34 -0.42
C THR A 18 -16.44 -1.45 -1.63
N ILE A 19 -16.39 -0.42 -2.45
CA ILE A 19 -15.50 -0.44 -3.61
C ILE A 19 -14.04 -0.43 -3.17
N ARG A 20 -13.70 0.40 -2.15
CA ARG A 20 -12.35 0.40 -1.60
C ARG A 20 -11.95 -0.97 -1.10
N GLU A 21 -12.86 -1.65 -0.41
CA GLU A 21 -12.55 -2.93 0.19
C GLU A 21 -12.38 -4.01 -0.87
N LYS A 22 -13.22 -3.97 -1.90
CA LYS A 22 -13.07 -4.91 -3.01
C LYS A 22 -11.75 -4.72 -3.74
N ARG A 23 -11.37 -3.46 -3.99
CA ARG A 23 -10.09 -3.23 -4.65
C ARG A 23 -8.92 -3.65 -3.77
N ALA A 24 -9.02 -3.39 -2.47
CA ALA A 24 -7.96 -3.82 -1.55
C ALA A 24 -7.79 -5.33 -1.58
N LYS A 25 -8.90 -6.07 -1.73
CA LYS A 25 -8.82 -7.52 -1.87
C LYS A 25 -8.04 -7.91 -3.12
N ILE A 26 -8.26 -7.21 -4.24
CA ILE A 26 -7.55 -7.55 -5.47
C ILE A 26 -6.05 -7.30 -5.30
N LYS A 27 -5.68 -6.22 -4.59
CA LYS A 27 -4.27 -6.01 -4.28
C LYS A 27 -3.72 -7.14 -3.41
N GLU A 28 -4.52 -7.64 -2.46
CA GLU A 28 -4.09 -8.79 -1.67
C GLU A 28 -3.89 -10.03 -2.54
N MET A 29 -4.71 -10.20 -3.58
CA MET A 29 -4.50 -11.32 -4.49
C MET A 29 -3.19 -11.18 -5.25
N MET A 30 -2.87 -9.96 -5.69
CA MET A 30 -1.58 -9.73 -6.35
C MET A 30 -0.42 -10.01 -5.39
N THR A 31 -0.56 -9.60 -4.13
CA THR A 31 0.50 -9.87 -3.16
C THR A 31 0.72 -11.38 -3.01
N HIS A 32 -0.36 -12.16 -3.02
CA HIS A 32 -0.27 -13.62 -2.94
C HIS A 32 0.42 -14.21 -4.16
N ALA A 33 0.03 -13.77 -5.35
CA ALA A 33 0.64 -14.29 -6.57
C ALA A 33 2.11 -13.91 -6.65
N TRP A 34 2.42 -12.63 -6.35
CA TRP A 34 3.79 -12.14 -6.43
C TRP A 34 4.68 -12.75 -5.35
N ASN A 35 4.23 -12.74 -4.09
CA ASN A 35 5.08 -13.23 -3.02
C ASN A 35 5.42 -14.71 -3.21
N ASN A 36 4.48 -15.49 -3.72
CA ASN A 36 4.78 -16.90 -3.96
C ASN A 36 5.65 -17.10 -5.19
N TYR A 37 5.48 -16.27 -6.22
CA TYR A 37 6.42 -16.30 -7.33
C TYR A 37 7.84 -16.07 -6.83
N LYS A 38 8.01 -15.06 -5.97
CA LYS A 38 9.32 -14.70 -5.47
C LYS A 38 9.87 -15.79 -4.56
N ARG A 39 8.99 -16.43 -3.79
CA ARG A 39 9.48 -17.43 -2.84
C ARG A 39 9.97 -18.70 -3.54
N TYR A 40 9.35 -19.09 -4.66
CA TYR A 40 9.68 -20.38 -5.26
C TYR A 40 10.27 -20.30 -6.65
N ALA A 41 10.15 -19.17 -7.35
CA ALA A 41 10.49 -19.14 -8.76
C ALA A 41 11.16 -17.83 -9.18
N TRP A 42 11.83 -17.15 -8.25
CA TRP A 42 12.38 -15.84 -8.56
C TRP A 42 13.40 -15.92 -9.69
N GLY A 43 13.20 -15.07 -10.71
CA GLY A 43 14.05 -15.06 -11.87
C GLY A 43 13.64 -16.00 -12.97
N LEU A 44 12.80 -16.99 -12.67
CA LEU A 44 12.27 -17.88 -13.70
C LEU A 44 11.05 -17.25 -14.35
N ASN A 45 10.63 -17.81 -15.49
CA ASN A 45 9.63 -17.09 -16.26
C ASN A 45 8.26 -17.13 -15.58
N GLU A 46 7.86 -18.30 -15.06
CA GLU A 46 6.58 -18.41 -14.38
C GLU A 46 6.71 -19.33 -13.17
N LEU A 47 5.67 -19.36 -12.36
CA LEU A 47 5.63 -20.18 -11.16
C LEU A 47 4.72 -21.39 -11.40
N LYS A 48 5.16 -22.56 -10.91
CA LYS A 48 4.26 -23.70 -10.72
C LYS A 48 3.78 -23.67 -9.27
N PRO A 49 2.52 -23.29 -9.01
CA PRO A 49 2.12 -23.03 -7.61
C PRO A 49 1.80 -24.28 -6.81
N ILE A 50 1.59 -25.43 -7.46
CA ILE A 50 1.40 -26.67 -6.69
C ILE A 50 2.74 -27.34 -6.40
N SER A 51 3.57 -27.53 -7.44
CA SER A 51 4.92 -28.06 -7.27
C SER A 51 5.82 -27.09 -6.52
N LYS A 52 5.46 -25.82 -6.48
CA LYS A 52 6.27 -24.78 -5.84
C LYS A 52 7.67 -24.74 -6.44
N GLU A 53 7.72 -24.52 -7.76
CA GLU A 53 8.98 -24.35 -8.46
C GLU A 53 8.73 -23.54 -9.72
N GLY A 54 9.77 -23.37 -10.52
CA GLY A 54 9.65 -22.58 -11.74
C GLY A 54 9.00 -23.33 -12.87
N HIS A 55 8.40 -22.56 -13.79
CA HIS A 55 7.87 -23.07 -15.04
C HIS A 55 8.53 -22.30 -16.18
N SER A 56 9.11 -23.01 -17.15
CA SER A 56 9.86 -22.39 -18.22
C SER A 56 9.25 -22.74 -19.59
N SER A 57 8.33 -21.91 -20.05
CA SER A 57 7.70 -22.12 -21.34
C SER A 57 8.72 -21.93 -22.47
N SER A 58 8.64 -22.81 -23.47
CA SER A 58 9.52 -22.69 -24.63
C SER A 58 9.24 -21.45 -25.45
N LEU A 59 8.09 -20.78 -25.22
CA LEU A 59 7.80 -19.52 -25.92
C LEU A 59 8.84 -18.45 -25.61
N PHE A 60 9.49 -18.53 -24.45
CA PHE A 60 10.42 -17.51 -24.02
C PHE A 60 11.88 -17.90 -24.27
N GLY A 61 12.13 -19.05 -24.89
CA GLY A 61 13.49 -19.48 -25.15
C GLY A 61 14.30 -19.51 -23.87
N ASN A 62 15.44 -18.83 -23.88
CA ASN A 62 16.32 -18.74 -22.71
C ASN A 62 16.25 -17.40 -22.01
N ILE A 63 15.30 -16.54 -22.37
CA ILE A 63 15.09 -15.31 -21.62
C ILE A 63 14.56 -15.68 -20.24
N LYS A 64 14.90 -14.87 -19.24
CA LYS A 64 14.45 -15.09 -17.88
C LYS A 64 13.47 -14.02 -17.45
N GLY A 65 12.77 -14.29 -16.34
CA GLY A 65 12.02 -13.27 -15.64
C GLY A 65 10.75 -12.76 -16.28
N ALA A 66 10.04 -13.59 -17.06
CA ALA A 66 8.82 -13.12 -17.71
C ALA A 66 7.82 -12.56 -16.71
N THR A 67 7.59 -13.28 -15.60
CA THR A 67 6.64 -12.79 -14.60
C THR A 67 7.10 -11.47 -13.98
N ILE A 68 8.42 -11.28 -13.83
CA ILE A 68 8.94 -10.02 -13.29
C ILE A 68 8.62 -8.86 -14.23
N VAL A 69 8.91 -9.03 -15.52
CA VAL A 69 8.68 -7.94 -16.47
C VAL A 69 7.19 -7.70 -16.66
N ASP A 70 6.40 -8.77 -16.76
CA ASP A 70 4.96 -8.64 -16.99
C ASP A 70 4.27 -7.98 -15.81
N ALA A 71 4.80 -8.15 -14.59
CA ALA A 71 4.17 -7.63 -13.38
C ALA A 71 4.53 -6.18 -13.06
N LEU A 72 5.56 -5.62 -13.70
CA LEU A 72 6.09 -4.31 -13.32
C LEU A 72 5.01 -3.26 -13.21
N ASP A 73 4.21 -3.10 -14.27
CA ASP A 73 3.27 -1.99 -14.25
C ASP A 73 2.11 -2.26 -13.31
N THR A 74 1.71 -3.53 -13.13
CA THR A 74 0.69 -3.84 -12.12
C THR A 74 1.19 -3.48 -10.72
N LEU A 75 2.42 -3.89 -10.39
CA LEU A 75 2.99 -3.53 -9.10
C LEU A 75 3.02 -2.01 -8.94
N PHE A 76 3.44 -1.28 -9.99
CA PHE A 76 3.52 0.17 -9.91
C PHE A 76 2.17 0.81 -9.64
N ILE A 77 1.15 0.41 -10.39
CA ILE A 77 -0.16 1.04 -10.25
C ILE A 77 -0.83 0.67 -8.93
N MET A 78 -0.53 -0.52 -8.39
CA MET A 78 -1.09 -0.86 -7.09
C MET A 78 -0.32 -0.24 -5.93
N GLY A 79 0.72 0.54 -6.22
CA GLY A 79 1.51 1.16 -5.17
C GLY A 79 2.41 0.21 -4.42
N MET A 80 2.78 -0.90 -5.05
CA MET A 80 3.69 -1.87 -4.44
C MET A 80 5.12 -1.45 -4.78
N LYS A 81 5.57 -0.40 -4.07
CA LYS A 81 6.79 0.30 -4.45
C LYS A 81 8.02 -0.54 -4.15
N THR A 82 8.04 -1.20 -2.98
CA THR A 82 9.16 -2.08 -2.62
C THR A 82 9.27 -3.23 -3.62
N GLU A 83 8.14 -3.80 -4.02
CA GLU A 83 8.15 -4.87 -5.00
C GLU A 83 8.63 -4.38 -6.37
N PHE A 84 8.16 -3.20 -6.78
CA PHE A 84 8.61 -2.61 -8.04
C PHE A 84 10.13 -2.41 -8.04
N GLN A 85 10.69 -1.90 -6.95
CA GLN A 85 12.12 -1.68 -6.88
C GLN A 85 12.89 -2.99 -6.94
N GLU A 86 12.35 -4.04 -6.30
CA GLU A 86 13.02 -5.33 -6.30
C GLU A 86 13.02 -5.95 -7.69
N ALA A 87 11.91 -5.77 -8.42
CA ALA A 87 11.84 -6.19 -9.81
C ALA A 87 12.82 -5.41 -10.68
N LYS A 88 12.89 -4.09 -10.46
CA LYS A 88 13.80 -3.27 -11.27
C LYS A 88 15.25 -3.69 -11.05
N SER A 89 15.63 -3.95 -9.80
CA SER A 89 17.01 -4.35 -9.54
C SER A 89 17.35 -5.68 -10.18
N TRP A 90 16.40 -6.62 -10.21
CA TRP A 90 16.64 -7.89 -10.89
C TRP A 90 16.82 -7.67 -12.39
N ILE A 91 15.99 -6.82 -12.99
CA ILE A 91 16.10 -6.53 -14.42
C ILE A 91 17.46 -5.91 -14.74
N LYS A 92 17.91 -4.95 -13.93
CA LYS A 92 19.20 -4.32 -14.20
C LYS A 92 20.33 -5.33 -14.21
N LYS A 93 20.27 -6.32 -13.33
CA LYS A 93 21.38 -7.25 -13.16
C LYS A 93 21.29 -8.49 -14.03
N TYR A 94 20.07 -8.98 -14.32
CA TYR A 94 19.91 -10.33 -14.86
C TYR A 94 19.12 -10.45 -16.16
N LEU A 95 18.41 -9.41 -16.61
CA LEU A 95 17.62 -9.54 -17.83
C LEU A 95 18.56 -9.46 -19.04
N ASP A 96 18.60 -10.54 -19.82
CA ASP A 96 19.61 -10.73 -20.86
C ASP A 96 18.93 -11.21 -22.13
N PHE A 97 19.15 -10.48 -23.24
CA PHE A 97 18.55 -10.84 -24.52
C PHE A 97 19.54 -11.45 -25.50
N ASN A 98 20.82 -11.55 -25.15
CA ASN A 98 21.81 -12.13 -26.05
C ASN A 98 22.01 -13.60 -25.68
N VAL A 99 20.97 -14.37 -25.93
CA VAL A 99 20.90 -15.77 -25.54
C VAL A 99 20.50 -16.60 -26.74
N ASN A 100 20.93 -17.87 -26.74
CA ASN A 100 20.57 -18.79 -27.82
C ASN A 100 19.13 -19.26 -27.60
N ALA A 101 18.73 -20.29 -28.34
CA ALA A 101 17.36 -20.82 -28.39
C ALA A 101 16.42 -19.85 -29.10
N GLU A 102 15.30 -20.37 -29.59
CA GLU A 102 14.33 -19.57 -30.31
C GLU A 102 13.28 -19.06 -29.35
N VAL A 103 12.80 -17.84 -29.60
CA VAL A 103 11.69 -17.27 -28.85
C VAL A 103 10.52 -17.06 -29.80
N SER A 104 9.31 -17.05 -29.24
CA SER A 104 8.14 -16.55 -29.96
C SER A 104 8.24 -15.03 -30.09
N VAL A 105 8.31 -14.54 -31.33
CA VAL A 105 8.40 -13.10 -31.55
C VAL A 105 7.18 -12.40 -30.96
N PHE A 106 6.00 -12.98 -31.16
CA PHE A 106 4.75 -12.41 -30.65
C PHE A 106 4.76 -12.34 -29.12
N GLU A 107 5.07 -13.45 -28.47
CA GLU A 107 5.02 -13.47 -27.00
C GLU A 107 6.06 -12.54 -26.39
N VAL A 108 7.28 -12.52 -26.94
CA VAL A 108 8.31 -11.65 -26.38
C VAL A 108 7.98 -10.19 -26.64
N ASN A 109 7.37 -9.88 -27.79
CA ASN A 109 6.95 -8.51 -28.02
C ASN A 109 5.87 -8.06 -27.03
N ILE A 110 4.79 -8.83 -26.89
CA ILE A 110 3.68 -8.31 -26.09
C ILE A 110 4.00 -8.33 -24.61
N ARG A 111 4.81 -9.28 -24.14
CA ARG A 111 5.08 -9.34 -22.70
C ARG A 111 6.34 -8.56 -22.33
N PHE A 112 7.47 -8.82 -23.02
CA PHE A 112 8.70 -8.17 -22.58
C PHE A 112 8.82 -6.75 -23.12
N VAL A 113 8.71 -6.57 -24.44
CA VAL A 113 8.76 -5.20 -24.95
C VAL A 113 7.65 -4.36 -24.34
N GLY A 114 6.43 -4.89 -24.32
CA GLY A 114 5.31 -4.13 -23.78
C GLY A 114 5.46 -3.84 -22.30
N GLY A 115 5.89 -4.84 -21.53
CA GLY A 115 6.05 -4.63 -20.09
C GLY A 115 7.15 -3.64 -19.74
N LEU A 116 8.26 -3.65 -20.49
CA LEU A 116 9.31 -2.67 -20.25
C LEU A 116 8.87 -1.27 -20.66
N LEU A 117 8.17 -1.16 -21.80
CA LEU A 117 7.67 0.14 -22.26
C LEU A 117 6.74 0.79 -21.22
N SER A 118 5.76 0.02 -20.72
CA SER A 118 4.84 0.57 -19.72
C SER A 118 5.58 0.97 -18.45
N ALA A 119 6.50 0.12 -17.99
CA ALA A 119 7.25 0.44 -16.78
C ALA A 119 8.03 1.74 -16.97
N TYR A 120 8.55 1.97 -18.17
CA TYR A 120 9.26 3.23 -18.44
C TYR A 120 8.31 4.42 -18.39
N TYR A 121 7.21 4.36 -19.15
CA TYR A 121 6.30 5.50 -19.18
C TYR A 121 5.69 5.79 -17.82
N LEU A 122 5.49 4.77 -16.98
CA LEU A 122 4.95 5.03 -15.65
C LEU A 122 5.99 5.59 -14.69
N SER A 123 7.21 5.05 -14.71
CA SER A 123 8.18 5.36 -13.66
C SER A 123 9.26 6.35 -14.08
N GLY A 124 9.54 6.47 -15.37
CA GLY A 124 10.65 7.28 -15.84
C GLY A 124 12.01 6.67 -15.62
N GLU A 125 12.08 5.43 -15.16
CA GLU A 125 13.37 4.78 -14.96
C GLU A 125 13.94 4.37 -16.32
N GLU A 126 15.10 4.96 -16.68
CA GLU A 126 15.61 4.80 -18.04
C GLU A 126 16.07 3.38 -18.36
N ILE A 127 16.35 2.56 -17.34
CA ILE A 127 16.72 1.17 -17.59
C ILE A 127 15.65 0.45 -18.40
N PHE A 128 14.37 0.79 -18.16
CA PHE A 128 13.29 0.12 -18.88
C PHE A 128 13.30 0.51 -20.36
N ARG A 129 13.57 1.77 -20.65
CA ARG A 129 13.65 2.25 -22.03
C ARG A 129 14.86 1.63 -22.74
N LYS A 130 16.01 1.63 -22.08
CA LYS A 130 17.21 0.99 -22.63
C LYS A 130 16.93 -0.47 -22.97
N LYS A 131 16.32 -1.21 -22.05
CA LYS A 131 16.08 -2.64 -22.28
C LYS A 131 15.04 -2.89 -23.36
N ALA A 132 13.97 -2.08 -23.38
CA ALA A 132 12.96 -2.24 -24.42
C ALA A 132 13.55 -2.07 -25.81
N VAL A 133 14.43 -1.07 -25.96
CA VAL A 133 14.99 -0.81 -27.28
C VAL A 133 16.00 -1.89 -27.65
N GLU A 134 16.79 -2.37 -26.67
CA GLU A 134 17.71 -3.48 -26.92
C GLU A 134 16.95 -4.69 -27.47
N LEU A 135 15.85 -5.05 -26.81
CA LEU A 135 15.07 -6.19 -27.28
C LEU A 135 14.46 -5.92 -28.64
N GLY A 136 13.91 -4.72 -28.86
CA GLY A 136 13.40 -4.37 -30.17
C GLY A 136 14.42 -4.58 -31.29
N VAL A 137 15.65 -4.09 -31.07
CA VAL A 137 16.74 -4.32 -32.04
C VAL A 137 16.94 -5.80 -32.29
N LYS A 138 16.91 -6.62 -31.23
CA LYS A 138 17.10 -8.07 -31.38
C LYS A 138 15.98 -8.73 -32.19
N LEU A 139 14.80 -8.13 -32.24
CA LEU A 139 13.68 -8.71 -32.99
C LEU A 139 13.66 -8.31 -34.46
N LEU A 140 14.42 -7.29 -34.86
CA LEU A 140 14.38 -6.84 -36.26
C LEU A 140 14.64 -7.94 -37.29
N PRO A 141 15.55 -8.90 -37.10
CA PRO A 141 15.74 -9.95 -38.12
C PRO A 141 14.53 -10.85 -38.33
N ALA A 142 13.52 -10.82 -37.45
CA ALA A 142 12.32 -11.62 -37.71
C ALA A 142 11.60 -11.16 -38.97
N PHE A 143 11.81 -9.90 -39.39
CA PHE A 143 11.13 -9.34 -40.56
C PHE A 143 11.89 -9.56 -41.86
N HIS A 144 12.98 -10.31 -41.82
CA HIS A 144 13.87 -10.53 -42.96
C HIS A 144 13.32 -11.64 -43.86
N THR A 145 12.16 -11.38 -44.46
CA THR A 145 11.46 -12.32 -45.33
C THR A 145 11.13 -11.60 -46.64
N PRO A 146 10.79 -12.36 -47.70
CA PRO A 146 10.52 -11.68 -48.99
C PRO A 146 9.40 -10.65 -48.92
N SER A 147 8.35 -10.93 -48.15
CA SER A 147 7.19 -10.04 -48.04
C SER A 147 7.33 -9.02 -46.92
N GLY A 148 8.19 -9.25 -45.95
CA GLY A 148 8.22 -8.42 -44.77
C GLY A 148 7.32 -8.89 -43.65
N ILE A 149 6.48 -9.89 -43.92
CA ILE A 149 5.74 -10.58 -42.85
C ILE A 149 6.72 -11.38 -42.00
N PRO A 150 6.74 -11.20 -40.68
CA PRO A 150 7.82 -11.78 -39.87
C PRO A 150 7.62 -13.26 -39.58
N TRP A 151 8.76 -13.90 -39.29
CA TRP A 151 8.80 -15.25 -38.75
C TRP A 151 8.16 -15.29 -37.37
N ALA A 152 7.59 -16.46 -37.04
CA ALA A 152 7.03 -16.68 -35.70
C ALA A 152 8.12 -16.85 -34.65
N LEU A 153 9.20 -17.55 -34.99
CA LEU A 153 10.25 -17.94 -34.06
C LEU A 153 11.55 -17.26 -34.45
N LEU A 154 12.35 -16.86 -33.47
CA LEU A 154 13.60 -16.19 -33.79
C LEU A 154 14.66 -16.59 -32.79
N ASN A 155 15.81 -17.05 -33.28
CA ASN A 155 17.00 -17.13 -32.44
C ASN A 155 17.60 -15.73 -32.38
N MET A 156 17.52 -15.09 -31.21
CA MET A 156 17.97 -13.70 -31.13
C MET A 156 19.48 -13.54 -31.20
N LYS A 157 20.24 -14.59 -30.87
CA LYS A 157 21.68 -14.47 -30.99
C LYS A 157 22.14 -14.59 -32.44
N SER A 158 21.58 -15.54 -33.19
CA SER A 158 21.99 -15.74 -34.57
C SER A 158 21.20 -14.88 -35.56
N GLY A 159 20.06 -14.34 -35.14
CA GLY A 159 19.19 -13.60 -36.02
C GLY A 159 18.49 -14.45 -37.05
N ILE A 160 18.37 -15.76 -36.83
CA ILE A 160 17.78 -16.68 -37.78
C ILE A 160 16.40 -17.08 -37.28
N GLY A 161 15.39 -17.00 -38.15
CA GLY A 161 14.02 -17.26 -37.77
C GLY A 161 13.40 -18.38 -38.60
N ARG A 162 12.19 -18.78 -38.18
CA ARG A 162 11.39 -19.75 -38.92
C ARG A 162 9.96 -19.67 -38.41
N ASN A 163 9.06 -20.35 -39.10
CA ASN A 163 7.68 -20.39 -38.62
C ASN A 163 7.45 -21.65 -37.79
N TRP A 164 6.31 -21.71 -37.13
CA TRP A 164 5.98 -22.86 -36.28
C TRP A 164 5.97 -24.14 -37.12
N PRO A 165 6.59 -25.23 -36.64
CA PRO A 165 6.60 -26.47 -37.43
C PRO A 165 5.22 -26.97 -37.84
N TRP A 166 4.23 -26.84 -36.97
CA TRP A 166 2.89 -27.33 -37.29
C TRP A 166 1.96 -26.24 -37.78
N ALA A 167 2.45 -25.02 -38.00
CA ALA A 167 1.60 -23.99 -38.59
C ALA A 167 1.12 -24.48 -39.94
N SER A 168 -0.18 -24.38 -40.17
CA SER A 168 -0.80 -24.66 -41.45
C SER A 168 0.03 -24.10 -42.61
N GLY A 169 0.59 -24.99 -43.44
CA GLY A 169 1.30 -24.57 -44.64
C GLY A 169 2.59 -23.82 -44.43
N GLY A 170 3.16 -23.84 -43.23
CA GLY A 170 4.31 -22.99 -42.94
C GLY A 170 3.99 -21.51 -42.86
N SER A 171 2.72 -21.17 -42.73
CA SER A 171 2.28 -19.78 -42.74
C SER A 171 2.63 -19.08 -41.43
N SER A 172 2.73 -17.76 -41.50
CA SER A 172 2.74 -16.93 -40.31
C SER A 172 1.31 -16.68 -39.87
N ILE A 173 1.14 -16.47 -38.56
CA ILE A 173 -0.18 -16.40 -37.94
C ILE A 173 -0.58 -14.94 -37.77
N LEU A 174 -1.82 -14.62 -38.18
CA LEU A 174 -2.30 -13.25 -38.26
C LEU A 174 -2.19 -12.51 -36.92
N ALA A 175 -2.67 -13.12 -35.84
CA ALA A 175 -2.55 -12.45 -34.53
C ALA A 175 -1.09 -12.25 -34.13
N GLU A 176 -0.19 -13.14 -34.57
CA GLU A 176 1.20 -12.99 -34.13
C GLU A 176 1.89 -11.83 -34.86
N PHE A 177 1.82 -11.79 -36.20
CA PHE A 177 2.48 -10.66 -36.85
C PHE A 177 1.64 -9.39 -36.84
N GLY A 178 0.34 -9.49 -36.58
CA GLY A 178 -0.57 -8.37 -36.53
C GLY A 178 -0.62 -7.66 -35.19
N THR A 179 0.09 -8.18 -34.20
CA THR A 179 0.05 -7.65 -32.84
C THR A 179 1.45 -7.19 -32.43
N LEU A 180 2.15 -6.58 -33.38
CA LEU A 180 3.42 -5.94 -33.11
C LEU A 180 3.34 -4.43 -33.20
N HIS A 181 2.22 -3.89 -33.69
CA HIS A 181 2.19 -2.51 -34.19
C HIS A 181 2.43 -1.49 -33.07
N LEU A 182 1.69 -1.61 -31.97
CA LEU A 182 1.75 -0.59 -30.92
C LEU A 182 3.14 -0.50 -30.31
N GLU A 183 3.73 -1.65 -29.99
CA GLU A 183 5.06 -1.66 -29.39
C GLU A 183 6.09 -1.05 -30.33
N PHE A 184 6.04 -1.41 -31.62
CA PHE A 184 7.05 -0.94 -32.55
C PHE A 184 6.91 0.55 -32.84
N MET A 185 5.68 1.08 -32.78
CA MET A 185 5.55 2.54 -32.91
C MET A 185 6.23 3.25 -31.74
N HIS A 186 6.12 2.69 -30.53
CA HIS A 186 6.78 3.31 -29.40
C HIS A 186 8.29 3.10 -29.43
N LEU A 187 8.76 1.96 -29.99
CA LEU A 187 10.20 1.79 -30.14
C LEU A 187 10.77 2.86 -31.06
N SER A 188 10.10 3.16 -32.16
CA SER A 188 10.56 4.23 -33.04
C SER A 188 10.51 5.58 -32.34
N HIS A 189 9.45 5.84 -31.58
CA HIS A 189 9.32 7.11 -30.86
C HIS A 189 10.48 7.30 -29.87
N LEU A 190 10.79 6.26 -29.10
CA LEU A 190 11.78 6.41 -28.04
C LEU A 190 13.22 6.32 -28.55
N SER A 191 13.47 5.49 -29.57
CA SER A 191 14.81 5.37 -30.12
C SER A 191 15.15 6.47 -31.11
N GLY A 192 14.14 7.13 -31.68
CA GLY A 192 14.34 8.03 -32.79
C GLY A 192 14.65 7.36 -34.12
N ASP A 193 14.66 6.03 -34.17
CA ASP A 193 14.97 5.28 -35.37
C ASP A 193 13.69 4.84 -36.04
N PRO A 194 13.42 5.24 -37.29
CA PRO A 194 12.15 4.86 -37.94
C PRO A 194 12.08 3.40 -38.36
N VAL A 195 13.15 2.62 -38.15
CA VAL A 195 13.16 1.22 -38.63
C VAL A 195 12.00 0.45 -38.03
N PHE A 196 11.71 0.69 -36.75
CA PHE A 196 10.70 -0.12 -36.07
C PHE A 196 9.32 0.14 -36.67
N ALA A 197 8.94 1.41 -36.79
CA ALA A 197 7.66 1.74 -37.39
C ALA A 197 7.56 1.22 -38.82
N GLU A 198 8.67 1.29 -39.57
CA GLU A 198 8.62 0.83 -40.96
C GLU A 198 8.32 -0.66 -41.05
N LYS A 199 8.84 -1.46 -40.10
CA LYS A 199 8.56 -2.90 -40.15
C LYS A 199 7.07 -3.16 -40.04
N VAL A 200 6.39 -2.50 -39.10
CA VAL A 200 4.98 -2.84 -38.90
C VAL A 200 4.11 -2.13 -39.92
N MET A 201 4.56 -0.99 -40.44
N MET A 201 4.56 -0.99 -40.45
CA MET A 201 3.84 -0.37 -41.55
CA MET A 201 3.82 -0.39 -41.55
C MET A 201 3.91 -1.24 -42.81
C MET A 201 3.91 -1.23 -42.82
N LYS A 202 5.02 -1.95 -43.02
CA LYS A 202 5.12 -2.82 -44.19
C LYS A 202 4.11 -3.96 -44.11
N ILE A 203 3.87 -4.47 -42.89
CA ILE A 203 2.84 -5.50 -42.70
C ILE A 203 1.49 -4.99 -43.21
N ARG A 204 1.14 -3.75 -42.85
CA ARG A 204 -0.07 -3.12 -43.38
C ARG A 204 -0.10 -3.09 -44.90
N THR A 205 1.02 -2.69 -45.52
CA THR A 205 1.04 -2.60 -46.97
C THR A 205 0.76 -3.97 -47.60
N VAL A 206 1.35 -5.03 -47.04
CA VAL A 206 1.10 -6.38 -47.53
C VAL A 206 -0.38 -6.72 -47.42
N LEU A 207 -0.96 -6.48 -46.25
CA LEU A 207 -2.35 -6.84 -46.05
C LEU A 207 -3.27 -6.05 -46.98
N ASN A 208 -2.99 -4.76 -47.17
CA ASN A 208 -3.88 -3.96 -48.02
C ASN A 208 -3.76 -4.27 -49.50
N LYS A 209 -2.68 -4.90 -49.94
CA LYS A 209 -2.64 -5.31 -51.34
C LYS A 209 -3.46 -6.57 -51.60
N LEU A 210 -3.79 -7.32 -50.56
CA LEU A 210 -4.48 -8.59 -50.72
C LEU A 210 -5.99 -8.38 -50.80
N ASP A 211 -6.63 -9.16 -51.67
CA ASP A 211 -8.08 -9.31 -51.59
C ASP A 211 -8.43 -10.09 -50.32
N LYS A 212 -9.35 -9.55 -49.51
CA LYS A 212 -9.83 -10.24 -48.31
C LYS A 212 -11.05 -11.07 -48.68
N PRO A 213 -11.03 -12.39 -48.52
CA PRO A 213 -12.20 -13.21 -48.86
C PRO A 213 -13.40 -12.77 -48.03
N GLU A 214 -14.45 -12.27 -48.72
CA GLU A 214 -15.69 -11.84 -48.07
C GLU A 214 -15.44 -10.72 -47.05
N GLY A 215 -14.37 -9.96 -47.24
CA GLY A 215 -13.97 -8.93 -46.30
C GLY A 215 -13.33 -9.44 -45.03
N LEU A 216 -13.04 -10.74 -44.97
CA LEU A 216 -12.47 -11.37 -43.78
C LEU A 216 -10.98 -11.60 -43.95
N TYR A 217 -10.29 -11.77 -42.82
CA TYR A 217 -8.85 -11.99 -42.79
C TYR A 217 -8.53 -13.42 -42.41
N PRO A 218 -8.03 -14.25 -43.32
CA PRO A 218 -7.51 -15.55 -42.91
C PRO A 218 -6.42 -15.42 -41.86
N ASN A 219 -6.35 -16.41 -40.96
CA ASN A 219 -5.37 -16.41 -39.89
C ASN A 219 -3.97 -16.83 -40.34
N TYR A 220 -3.79 -17.17 -41.61
CA TYR A 220 -2.52 -17.67 -42.13
C TYR A 220 -2.09 -16.85 -43.32
N LEU A 221 -0.84 -16.39 -43.30
CA LEU A 221 -0.26 -15.64 -44.42
C LEU A 221 1.15 -16.15 -44.65
N ASN A 222 1.47 -16.56 -45.88
CA ASN A 222 2.79 -17.12 -46.17
C ASN A 222 3.81 -16.00 -46.31
N PRO A 223 4.86 -15.97 -45.49
CA PRO A 223 5.82 -14.86 -45.57
C PRO A 223 6.70 -14.89 -46.82
N SER A 224 6.87 -16.06 -47.45
CA SER A 224 7.71 -16.16 -48.63
C SER A 224 7.01 -15.62 -49.86
N SER A 225 5.69 -15.81 -49.93
CA SER A 225 4.92 -15.42 -51.10
C SER A 225 4.04 -14.21 -50.88
N GLY A 226 3.76 -13.85 -49.61
CA GLY A 226 2.82 -12.79 -49.34
C GLY A 226 1.38 -13.11 -49.64
N GLN A 227 1.05 -14.38 -49.86
CA GLN A 227 -0.30 -14.83 -50.18
C GLN A 227 -0.96 -15.52 -48.99
N TRP A 228 -2.29 -15.53 -48.98
CA TRP A 228 -3.01 -16.17 -47.88
C TRP A 228 -2.70 -17.67 -47.83
N GLY A 229 -2.64 -18.20 -46.61
CA GLY A 229 -2.69 -19.63 -46.40
C GLY A 229 -4.13 -20.12 -46.32
N GLN A 230 -4.39 -21.10 -45.45
CA GLN A 230 -5.74 -21.61 -45.30
C GLN A 230 -6.72 -20.51 -44.90
N HIS A 231 -7.92 -20.58 -45.47
CA HIS A 231 -8.94 -19.54 -45.26
C HIS A 231 -9.72 -19.80 -43.98
N HIS A 232 -9.00 -19.87 -42.86
CA HIS A 232 -9.61 -20.03 -41.55
C HIS A 232 -9.62 -18.68 -40.87
N VAL A 233 -10.81 -18.24 -40.45
CA VAL A 233 -11.02 -16.91 -39.89
C VAL A 233 -11.56 -17.06 -38.47
N SER A 234 -11.01 -16.28 -37.54
CA SER A 234 -11.50 -16.32 -36.16
C SER A 234 -11.17 -14.99 -35.48
N VAL A 235 -12.14 -14.47 -34.72
CA VAL A 235 -11.88 -13.32 -33.85
C VAL A 235 -11.39 -13.79 -32.48
N GLY A 236 -11.26 -15.09 -32.28
CA GLY A 236 -10.57 -15.64 -31.12
C GLY A 236 -9.12 -15.94 -31.39
N GLY A 237 -8.59 -17.02 -30.81
CA GLY A 237 -7.18 -17.35 -30.93
C GLY A 237 -6.74 -17.40 -32.38
N LEU A 238 -5.51 -16.93 -32.64
CA LEU A 238 -4.85 -16.85 -33.94
C LEU A 238 -5.26 -15.62 -34.75
N GLY A 239 -6.34 -14.93 -34.40
CA GLY A 239 -6.78 -13.76 -35.16
C GLY A 239 -6.99 -12.53 -34.29
N ASP A 240 -7.52 -12.74 -33.11
CA ASP A 240 -8.10 -11.68 -32.33
C ASP A 240 -7.31 -10.38 -32.18
N SER A 241 -6.07 -10.41 -31.72
CA SER A 241 -5.40 -9.15 -31.42
C SER A 241 -4.91 -8.41 -32.67
N PHE A 242 -4.96 -9.03 -33.84
CA PHE A 242 -4.79 -8.24 -35.06
C PHE A 242 -5.88 -7.17 -35.15
N TYR A 243 -7.13 -7.56 -34.95
CA TYR A 243 -8.23 -6.61 -35.02
C TYR A 243 -8.10 -5.58 -33.91
N GLU A 244 -7.77 -6.07 -32.72
CA GLU A 244 -7.55 -5.20 -31.57
C GLU A 244 -6.55 -4.10 -31.90
N TYR A 245 -5.44 -4.47 -32.54
CA TYR A 245 -4.40 -3.49 -32.79
C TYR A 245 -4.71 -2.58 -33.97
N LEU A 246 -5.62 -2.96 -34.88
CA LEU A 246 -6.10 -1.97 -35.86
C LEU A 246 -6.78 -0.81 -35.15
N LEU A 247 -7.76 -1.11 -34.30
CA LEU A 247 -8.44 -0.05 -33.54
C LEU A 247 -7.46 0.71 -32.67
N LYS A 248 -6.61 -0.01 -31.92
CA LYS A 248 -5.76 0.66 -30.95
C LYS A 248 -4.66 1.48 -31.63
N ALA A 249 -4.23 1.08 -32.84
CA ALA A 249 -3.25 1.89 -33.55
C ALA A 249 -3.84 3.24 -33.92
N TRP A 250 -5.11 3.25 -34.34
CA TRP A 250 -5.77 4.50 -34.67
C TRP A 250 -5.89 5.38 -33.42
N LEU A 251 -6.33 4.79 -32.31
CA LEU A 251 -6.44 5.57 -31.08
C LEU A 251 -5.08 6.04 -30.60
N MET A 252 -4.08 5.15 -30.61
CA MET A 252 -2.78 5.51 -30.06
C MET A 252 -2.06 6.54 -30.93
N SER A 253 -2.51 6.71 -32.17
CA SER A 253 -1.96 7.74 -33.03
C SER A 253 -2.64 9.09 -32.85
N ASP A 254 -3.46 9.27 -31.82
CA ASP A 254 -4.30 10.45 -31.68
C ASP A 254 -5.28 10.57 -32.85
N LYS A 255 -5.73 9.42 -33.34
CA LYS A 255 -6.71 9.31 -34.44
C LYS A 255 -6.19 9.90 -35.74
N THR A 256 -4.87 9.84 -35.97
CA THR A 256 -4.30 10.25 -37.25
C THR A 256 -4.02 9.08 -38.19
N ASP A 257 -3.90 7.86 -37.68
CA ASP A 257 -3.67 6.69 -38.54
C ASP A 257 -4.99 6.34 -39.20
N LEU A 258 -5.27 7.04 -40.31
CA LEU A 258 -6.57 6.87 -40.96
C LEU A 258 -6.67 5.51 -41.64
N GLU A 259 -5.53 4.94 -42.05
CA GLU A 259 -5.55 3.61 -42.63
C GLU A 259 -6.02 2.58 -41.61
N ALA A 260 -5.50 2.67 -40.38
CA ALA A 260 -5.92 1.76 -39.32
C ALA A 260 -7.41 1.90 -39.06
N LYS A 261 -7.91 3.14 -39.03
CA LYS A 261 -9.33 3.37 -38.77
C LYS A 261 -10.19 2.69 -39.82
N LYS A 262 -9.86 2.89 -41.11
CA LYS A 262 -10.63 2.28 -42.18
C LYS A 262 -10.51 0.77 -42.15
N MET A 263 -9.29 0.24 -41.95
CA MET A 263 -9.14 -1.21 -41.84
C MET A 263 -9.98 -1.77 -40.70
N TYR A 264 -9.99 -1.11 -39.54
CA TYR A 264 -10.73 -1.62 -38.40
C TYR A 264 -12.23 -1.65 -38.67
N PHE A 265 -12.81 -0.52 -39.09
CA PHE A 265 -14.26 -0.50 -39.24
C PHE A 265 -14.74 -1.34 -40.42
N ASP A 266 -13.95 -1.41 -41.50
CA ASP A 266 -14.25 -2.37 -42.56
C ASP A 266 -14.22 -3.79 -42.05
N ALA A 267 -13.21 -4.13 -41.24
CA ALA A 267 -13.07 -5.50 -40.73
C ALA A 267 -14.23 -5.87 -39.83
N VAL A 268 -14.65 -4.95 -38.95
CA VAL A 268 -15.72 -5.25 -38.01
C VAL A 268 -17.07 -5.37 -38.72
N GLN A 269 -17.30 -4.58 -39.77
CA GLN A 269 -18.54 -4.76 -40.53
C GLN A 269 -18.60 -6.14 -41.17
N ALA A 270 -17.48 -6.62 -41.72
CA ALA A 270 -17.46 -7.96 -42.29
C ALA A 270 -17.64 -9.02 -41.21
N ILE A 271 -17.02 -8.82 -40.04
CA ILE A 271 -17.20 -9.74 -38.93
C ILE A 271 -18.67 -9.81 -38.51
N GLU A 272 -19.34 -8.66 -38.43
CA GLU A 272 -20.75 -8.65 -38.04
C GLU A 272 -21.58 -9.43 -39.05
N THR A 273 -21.36 -9.17 -40.34
CA THR A 273 -22.17 -9.78 -41.39
C THR A 273 -21.94 -11.29 -41.47
N HIS A 274 -20.69 -11.74 -41.34
CA HIS A 274 -20.34 -13.11 -41.63
C HIS A 274 -20.17 -14.00 -40.40
N LEU A 275 -19.78 -13.44 -39.24
CA LEU A 275 -19.41 -14.26 -38.10
C LEU A 275 -20.35 -14.17 -36.91
N ILE A 276 -21.09 -13.07 -36.76
CA ILE A 276 -21.84 -12.82 -35.54
C ILE A 276 -23.26 -13.34 -35.70
N ARG A 277 -23.68 -14.18 -34.76
CA ARG A 277 -24.99 -14.82 -34.84
C ARG A 277 -25.68 -14.73 -33.49
N LYS A 278 -26.98 -14.99 -33.51
CA LYS A 278 -27.79 -15.03 -32.30
C LYS A 278 -28.27 -16.45 -32.08
N SER A 279 -28.10 -16.95 -30.86
CA SER A 279 -28.59 -18.28 -30.54
C SER A 279 -30.12 -18.24 -30.43
N SER A 280 -30.72 -19.43 -30.37
CA SER A 280 -32.16 -19.51 -30.15
C SER A 280 -32.56 -18.87 -28.81
N GLY A 281 -31.70 -19.00 -27.80
CA GLY A 281 -31.91 -18.35 -26.53
C GLY A 281 -31.60 -16.87 -26.47
N GLY A 282 -31.22 -16.27 -27.60
CA GLY A 282 -31.01 -14.83 -27.67
C GLY A 282 -29.63 -14.34 -27.32
N LEU A 283 -28.62 -15.21 -27.27
CA LEU A 283 -27.26 -14.79 -26.97
C LEU A 283 -26.50 -14.49 -28.26
N THR A 284 -25.86 -13.32 -28.30
CA THR A 284 -25.00 -12.95 -29.42
C THR A 284 -23.63 -13.60 -29.25
N TYR A 285 -23.13 -14.25 -30.31
CA TYR A 285 -21.80 -14.84 -30.24
C TYR A 285 -21.09 -14.65 -31.57
N ILE A 286 -19.78 -14.86 -31.55
CA ILE A 286 -18.93 -14.72 -32.73
C ILE A 286 -18.39 -16.11 -33.05
N ALA A 287 -18.78 -16.65 -34.19
CA ALA A 287 -18.42 -18.01 -34.59
C ALA A 287 -17.11 -18.01 -35.39
N GLU A 288 -16.57 -19.20 -35.60
CA GLU A 288 -15.42 -19.40 -36.47
C GLU A 288 -15.90 -19.72 -37.88
N TRP A 289 -15.04 -19.44 -38.85
CA TRP A 289 -15.42 -19.50 -40.26
C TRP A 289 -14.28 -20.19 -41.00
N LYS A 290 -14.59 -21.28 -41.70
CA LYS A 290 -13.57 -22.06 -42.42
C LYS A 290 -13.99 -22.16 -43.88
N GLY A 291 -13.36 -21.36 -44.74
CA GLY A 291 -13.71 -21.38 -46.16
C GLY A 291 -15.19 -21.18 -46.41
N GLY A 292 -15.82 -20.31 -45.63
CA GLY A 292 -17.23 -19.99 -45.80
C GLY A 292 -18.18 -20.70 -44.88
N LEU A 293 -17.74 -21.75 -44.20
CA LEU A 293 -18.61 -22.57 -43.37
C LEU A 293 -18.45 -22.16 -41.91
N LEU A 294 -19.55 -21.74 -41.29
CA LEU A 294 -19.50 -21.34 -39.89
C LEU A 294 -19.50 -22.54 -38.97
N GLU A 295 -18.71 -22.44 -37.90
CA GLU A 295 -18.74 -23.37 -36.78
C GLU A 295 -19.23 -22.58 -35.58
N HIS A 296 -20.32 -23.03 -34.98
CA HIS A 296 -21.05 -22.21 -34.00
C HIS A 296 -20.50 -22.47 -32.59
N LYS A 297 -19.26 -22.07 -32.44
CA LYS A 297 -18.49 -22.16 -31.21
C LYS A 297 -17.79 -20.83 -30.99
N MET A 298 -17.66 -20.42 -29.74
CA MET A 298 -16.98 -19.18 -29.41
C MET A 298 -15.95 -19.46 -28.34
N GLY A 299 -14.82 -18.76 -28.39
CA GLY A 299 -13.74 -18.96 -27.44
C GLY A 299 -13.75 -17.94 -26.31
N HIS A 300 -13.21 -18.36 -25.15
CA HIS A 300 -12.86 -17.39 -24.12
C HIS A 300 -12.01 -16.25 -24.71
N LEU A 301 -11.07 -16.59 -25.60
CA LEU A 301 -10.24 -15.56 -26.24
C LEU A 301 -11.09 -14.56 -27.02
N THR A 302 -12.14 -15.04 -27.69
CA THR A 302 -13.01 -14.16 -28.46
C THR A 302 -13.74 -13.15 -27.59
N CYS A 303 -13.88 -13.43 -26.30
CA CYS A 303 -14.64 -12.56 -25.42
C CYS A 303 -14.03 -11.17 -25.27
N PHE A 304 -12.75 -11.00 -25.64
CA PHE A 304 -12.16 -9.68 -25.62
C PHE A 304 -12.89 -8.72 -26.56
N ALA A 305 -13.62 -9.28 -27.55
CA ALA A 305 -14.20 -8.43 -28.60
C ALA A 305 -15.29 -7.52 -28.05
N GLY A 306 -15.95 -7.90 -26.94
CA GLY A 306 -16.92 -7.02 -26.33
C GLY A 306 -16.32 -5.67 -25.98
N GLY A 307 -15.18 -5.69 -25.28
CA GLY A 307 -14.48 -4.46 -24.96
C GLY A 307 -13.94 -3.75 -26.18
N MET A 308 -13.48 -4.50 -27.18
CA MET A 308 -12.99 -3.88 -28.41
C MET A 308 -14.11 -3.11 -29.11
N PHE A 309 -15.27 -3.73 -29.27
CA PHE A 309 -16.40 -3.06 -29.92
C PHE A 309 -16.76 -1.78 -29.18
N ALA A 310 -16.89 -1.86 -27.86
CA ALA A 310 -17.23 -0.67 -27.07
C ALA A 310 -16.16 0.40 -27.18
N LEU A 311 -14.88 0.01 -27.10
CA LEU A 311 -13.80 0.99 -27.19
C LEU A 311 -13.83 1.72 -28.54
N GLY A 312 -14.22 1.02 -29.60
CA GLY A 312 -14.33 1.66 -30.90
C GLY A 312 -15.58 2.48 -31.13
N ALA A 313 -16.50 2.55 -30.16
CA ALA A 313 -17.79 3.18 -30.40
C ALA A 313 -17.67 4.69 -30.60
N ASP A 314 -16.89 5.37 -29.76
CA ASP A 314 -16.85 6.83 -29.82
C ASP A 314 -16.27 7.35 -31.13
N GLY A 315 -15.36 6.60 -31.74
CA GLY A 315 -14.84 7.02 -33.03
C GLY A 315 -15.75 6.75 -34.20
N ALA A 316 -16.64 5.77 -34.07
CA ALA A 316 -17.49 5.35 -35.17
C ALA A 316 -18.46 6.47 -35.55
N PRO A 317 -18.94 6.46 -36.79
CA PRO A 317 -20.05 7.36 -37.14
C PRO A 317 -21.29 7.02 -36.32
N GLU A 318 -22.02 8.05 -35.92
CA GLU A 318 -23.34 7.85 -35.33
C GLU A 318 -24.28 7.43 -36.46
N ALA A 319 -25.36 6.70 -36.17
CA ALA A 319 -25.70 6.24 -34.83
C ALA A 319 -25.09 4.86 -34.55
N ARG A 320 -23.98 4.57 -35.22
CA ARG A 320 -23.28 3.32 -34.96
C ARG A 320 -22.50 3.35 -33.65
N ALA A 321 -22.27 4.52 -33.05
CA ALA A 321 -21.64 4.56 -31.74
C ALA A 321 -22.48 3.78 -30.73
N GLN A 322 -23.78 4.04 -30.69
CA GLN A 322 -24.65 3.27 -29.80
C GLN A 322 -24.75 1.82 -30.24
N HIS A 323 -24.74 1.58 -31.55
CA HIS A 323 -24.72 0.20 -32.06
C HIS A 323 -23.52 -0.57 -31.54
N TYR A 324 -22.34 0.04 -31.54
CA TYR A 324 -21.16 -0.68 -31.06
C TYR A 324 -21.16 -0.83 -29.55
N LEU A 325 -21.69 0.16 -28.82
CA LEU A 325 -21.82 0.00 -27.37
C LEU A 325 -22.76 -1.16 -27.03
N GLU A 326 -23.86 -1.28 -27.77
CA GLU A 326 -24.82 -2.34 -27.51
C GLU A 326 -24.28 -3.70 -27.93
N LEU A 327 -23.55 -3.76 -29.05
CA LEU A 327 -22.90 -5.00 -29.46
C LEU A 327 -21.88 -5.45 -28.42
N GLY A 328 -21.06 -4.52 -27.93
CA GLY A 328 -20.13 -4.86 -26.87
C GLY A 328 -20.83 -5.40 -25.64
N ALA A 329 -21.98 -4.82 -25.28
CA ALA A 329 -22.73 -5.30 -24.13
C ALA A 329 -23.28 -6.71 -24.36
N GLU A 330 -23.70 -7.02 -25.59
CA GLU A 330 -24.26 -8.35 -25.84
C GLU A 330 -23.17 -9.42 -25.78
N ILE A 331 -21.98 -9.11 -26.30
CA ILE A 331 -20.86 -10.03 -26.15
C ILE A 331 -20.52 -10.22 -24.68
N ALA A 332 -20.50 -9.12 -23.91
CA ALA A 332 -20.23 -9.21 -22.49
C ALA A 332 -21.24 -10.12 -21.78
N ARG A 333 -22.52 -10.01 -22.15
N ARG A 333 -22.52 -10.03 -22.15
CA ARG A 333 -23.57 -10.83 -21.55
CA ARG A 333 -23.53 -10.87 -21.49
C ARG A 333 -23.36 -12.31 -21.87
C ARG A 333 -23.34 -12.34 -21.86
N THR A 334 -23.07 -12.63 -23.13
CA THR A 334 -22.84 -14.01 -23.52
C THR A 334 -21.63 -14.60 -22.79
N CYS A 335 -20.56 -13.82 -22.69
CA CYS A 335 -19.38 -14.32 -21.99
C CYS A 335 -19.65 -14.48 -20.50
N HIS A 336 -20.44 -13.58 -19.92
CA HIS A 336 -20.85 -13.77 -18.52
C HIS A 336 -21.67 -15.04 -18.34
N GLU A 337 -22.56 -15.34 -19.30
CA GLU A 337 -23.32 -16.59 -19.23
C GLU A 337 -22.38 -17.79 -19.33
N SER A 338 -21.34 -17.71 -20.18
CA SER A 338 -20.42 -18.84 -20.25
C SER A 338 -19.70 -19.03 -18.92
N TYR A 339 -19.46 -17.94 -18.18
CA TYR A 339 -18.94 -18.03 -16.82
C TYR A 339 -19.98 -18.61 -15.86
N ASN A 340 -21.20 -18.06 -15.89
CA ASN A 340 -22.16 -18.39 -14.85
C ASN A 340 -22.73 -19.80 -15.01
N ARG A 341 -22.57 -20.42 -16.18
CA ARG A 341 -23.15 -21.75 -16.38
C ARG A 341 -22.18 -22.87 -16.05
N THR A 342 -21.03 -22.57 -15.48
CA THR A 342 -20.11 -23.58 -15.00
C THR A 342 -20.32 -23.82 -13.51
N TYR A 343 -19.68 -24.87 -13.01
CA TYR A 343 -19.70 -25.10 -11.58
C TYR A 343 -18.84 -24.08 -10.86
N VAL A 344 -17.64 -23.80 -11.38
CA VAL A 344 -16.72 -22.95 -10.63
C VAL A 344 -17.03 -21.48 -10.80
N LYS A 345 -17.78 -21.10 -11.84
CA LYS A 345 -18.15 -19.74 -12.21
C LYS A 345 -17.00 -19.00 -12.88
N LEU A 346 -16.08 -19.75 -13.48
CA LEU A 346 -15.14 -19.25 -14.46
C LEU A 346 -15.35 -20.05 -15.74
N GLY A 347 -15.31 -19.36 -16.89
CA GLY A 347 -15.75 -19.96 -18.12
C GLY A 347 -14.74 -20.87 -18.78
N PRO A 348 -15.23 -21.73 -19.68
CA PRO A 348 -14.36 -22.68 -20.39
C PRO A 348 -13.65 -22.02 -21.58
N GLU A 349 -12.67 -22.76 -22.11
CA GLU A 349 -11.85 -22.22 -23.20
C GLU A 349 -12.68 -22.00 -24.47
N ALA A 350 -13.69 -22.84 -24.71
CA ALA A 350 -14.58 -22.65 -25.85
C ALA A 350 -15.95 -23.17 -25.45
N PHE A 351 -17.00 -22.55 -26.01
CA PHE A 351 -18.36 -22.93 -25.65
C PHE A 351 -19.25 -22.85 -26.88
N ARG A 352 -20.22 -23.76 -26.95
CA ARG A 352 -20.98 -24.00 -28.14
C ARG A 352 -22.43 -23.56 -27.97
N PHE A 353 -23.13 -23.46 -29.10
CA PHE A 353 -24.52 -23.03 -29.13
C PHE A 353 -25.30 -24.10 -29.88
N ASP A 354 -25.58 -25.17 -29.14
CA ASP A 354 -26.47 -26.27 -29.51
C ASP A 354 -27.12 -26.74 -28.21
N GLY A 355 -28.24 -27.43 -28.33
CA GLY A 355 -28.84 -28.00 -27.14
C GLY A 355 -27.86 -28.97 -26.49
N GLY A 356 -28.09 -29.33 -25.23
CA GLY A 356 -29.26 -28.89 -24.49
C GLY A 356 -29.13 -27.55 -23.78
N VAL A 357 -27.92 -27.17 -23.36
CA VAL A 357 -27.68 -25.82 -22.85
C VAL A 357 -26.83 -25.05 -23.85
N GLU A 358 -27.08 -23.74 -23.92
CA GLU A 358 -26.28 -22.80 -24.68
C GLU A 358 -25.07 -22.35 -23.86
N ALA A 359 -24.04 -21.88 -24.56
CA ALA A 359 -22.89 -21.25 -23.91
C ALA A 359 -22.20 -22.19 -22.92
N ILE A 360 -22.14 -23.47 -23.25
CA ILE A 360 -21.36 -24.41 -22.47
C ILE A 360 -20.44 -25.20 -23.39
N ALA A 361 -19.33 -25.66 -22.83
CA ALA A 361 -18.44 -26.58 -23.51
C ALA A 361 -18.99 -28.00 -23.41
N THR A 362 -18.72 -28.80 -24.42
CA THR A 362 -18.98 -30.22 -24.36
C THR A 362 -17.73 -31.06 -24.55
N ARG A 363 -16.77 -30.58 -25.34
CA ARG A 363 -15.53 -31.33 -25.53
C ARG A 363 -14.71 -31.25 -24.26
N GLN A 364 -14.22 -32.41 -23.81
CA GLN A 364 -13.48 -32.45 -22.54
C GLN A 364 -12.24 -31.56 -22.59
N ASN A 365 -11.53 -31.54 -23.71
CA ASN A 365 -10.31 -30.75 -23.77
C ASN A 365 -10.55 -29.26 -23.97
N GLU A 366 -11.80 -28.79 -23.91
N GLU A 366 -11.81 -28.81 -23.89
CA GLU A 366 -12.08 -27.36 -23.99
CA GLU A 366 -12.13 -27.40 -24.00
C GLU A 366 -12.76 -26.83 -22.73
C GLU A 366 -12.78 -26.86 -22.74
N LYS A 367 -12.77 -27.61 -21.65
CA LYS A 367 -13.40 -27.21 -20.41
C LYS A 367 -12.45 -26.52 -19.44
N TYR A 368 -11.22 -26.21 -19.88
CA TYR A 368 -10.23 -25.69 -18.94
C TYR A 368 -10.30 -24.16 -18.85
N TYR A 369 -9.70 -23.63 -17.78
CA TYR A 369 -9.57 -22.20 -17.57
C TYR A 369 -8.14 -21.95 -17.07
N ILE A 370 -7.33 -21.25 -17.87
CA ILE A 370 -5.93 -21.02 -17.49
C ILE A 370 -5.72 -19.57 -17.08
N LEU A 371 -6.57 -19.07 -16.18
CA LEU A 371 -6.42 -17.77 -15.52
C LEU A 371 -6.54 -16.61 -16.52
N ARG A 372 -7.28 -16.82 -17.61
CA ARG A 372 -7.26 -15.87 -18.71
C ARG A 372 -8.02 -14.58 -18.36
N PRO A 373 -7.66 -13.46 -19.01
CA PRO A 373 -8.22 -12.15 -18.64
C PRO A 373 -9.37 -11.61 -19.50
N GLU A 374 -9.72 -12.27 -20.61
CA GLU A 374 -10.45 -11.56 -21.67
C GLU A 374 -11.85 -11.15 -21.24
N VAL A 375 -12.50 -11.93 -20.37
CA VAL A 375 -13.85 -11.57 -19.97
C VAL A 375 -13.80 -10.40 -19.00
N ILE A 376 -12.84 -10.44 -18.07
CA ILE A 376 -12.69 -9.33 -17.15
C ILE A 376 -12.24 -8.08 -17.90
N GLU A 377 -11.38 -8.26 -18.91
CA GLU A 377 -10.98 -7.16 -19.79
C GLU A 377 -12.19 -6.47 -20.39
N THR A 378 -13.13 -7.28 -20.92
CA THR A 378 -14.36 -6.72 -21.48
C THR A 378 -15.23 -6.06 -20.41
N TYR A 379 -15.31 -6.66 -19.21
CA TYR A 379 -16.05 -6.00 -18.13
C TYR A 379 -15.48 -4.62 -17.83
N MET A 380 -14.16 -4.47 -17.88
N MET A 380 -14.16 -4.46 -17.88
CA MET A 380 -13.53 -3.20 -17.54
CA MET A 380 -13.57 -3.18 -17.53
C MET A 380 -13.91 -2.11 -18.53
C MET A 380 -13.94 -2.11 -18.53
N TYR A 381 -13.84 -2.42 -19.83
CA TYR A 381 -14.24 -1.45 -20.84
C TYR A 381 -15.71 -1.12 -20.72
N MET A 382 -16.55 -2.13 -20.48
CA MET A 382 -17.97 -1.86 -20.38
C MET A 382 -18.28 -1.00 -19.17
N TRP A 383 -17.62 -1.26 -18.05
CA TRP A 383 -17.79 -0.42 -16.87
C TRP A 383 -17.35 1.02 -17.14
N ARG A 384 -16.19 1.18 -17.76
CA ARG A 384 -15.67 2.53 -17.94
C ARG A 384 -16.46 3.31 -18.97
N LEU A 385 -17.07 2.61 -19.95
CA LEU A 385 -17.81 3.28 -21.01
C LEU A 385 -19.33 3.30 -20.79
N THR A 386 -19.86 2.64 -19.76
CA THR A 386 -21.31 2.70 -19.51
C THR A 386 -21.61 3.04 -18.06
N HIS A 387 -20.71 2.65 -17.14
CA HIS A 387 -20.93 2.74 -15.70
C HIS A 387 -22.21 2.03 -15.26
N ASP A 388 -22.57 0.98 -15.98
CA ASP A 388 -23.63 0.08 -15.54
C ASP A 388 -23.08 -0.78 -14.41
N PRO A 389 -23.67 -0.75 -13.21
CA PRO A 389 -23.06 -1.45 -12.07
C PRO A 389 -22.98 -2.96 -12.23
N LYS A 390 -23.77 -3.55 -13.13
CA LYS A 390 -23.70 -4.99 -13.33
C LYS A 390 -22.31 -5.45 -13.77
N TYR A 391 -21.53 -4.58 -14.43
CA TYR A 391 -20.20 -4.99 -14.82
C TYR A 391 -19.28 -5.14 -13.60
N ARG A 392 -19.46 -4.29 -12.59
CA ARG A 392 -18.74 -4.51 -11.34
C ARG A 392 -19.27 -5.73 -10.59
N THR A 393 -20.58 -5.95 -10.63
CA THR A 393 -21.14 -7.16 -10.03
C THR A 393 -20.56 -8.42 -10.68
N TRP A 394 -20.52 -8.46 -12.01
CA TRP A 394 -19.99 -9.63 -12.70
C TRP A 394 -18.49 -9.80 -12.45
N ALA A 395 -17.75 -8.69 -12.41
CA ALA A 395 -16.33 -8.79 -12.08
C ALA A 395 -16.11 -9.38 -10.70
N TRP A 396 -16.94 -8.97 -9.73
CA TRP A 396 -16.76 -9.50 -8.38
C TRP A 396 -17.11 -10.98 -8.30
N GLU A 397 -18.10 -11.45 -9.08
CA GLU A 397 -18.37 -12.88 -9.13
C GLU A 397 -17.13 -13.65 -9.56
N ALA A 398 -16.39 -13.12 -10.55
CA ALA A 398 -15.16 -13.77 -10.99
C ALA A 398 -14.10 -13.75 -9.90
N VAL A 399 -14.00 -12.63 -9.17
CA VAL A 399 -13.07 -12.58 -8.04
C VAL A 399 -13.37 -13.70 -7.05
N GLU A 400 -14.64 -13.85 -6.67
CA GLU A 400 -14.96 -14.89 -5.69
C GLU A 400 -14.69 -16.29 -6.23
N ALA A 401 -14.90 -16.49 -7.54
CA ALA A 401 -14.58 -17.78 -8.14
C ALA A 401 -13.08 -18.05 -8.14
N LEU A 402 -12.27 -17.04 -8.49
CA LEU A 402 -10.81 -17.21 -8.43
C LEU A 402 -10.37 -17.56 -7.02
N GLU A 403 -10.95 -16.92 -6.02
CA GLU A 403 -10.51 -17.16 -4.65
C GLU A 403 -10.93 -18.54 -4.18
N SER A 404 -12.11 -19.02 -4.60
CA SER A 404 -12.62 -20.31 -4.13
C SER A 404 -11.99 -21.50 -4.85
N HIS A 405 -11.52 -21.31 -6.09
CA HIS A 405 -11.14 -22.46 -6.92
C HIS A 405 -9.74 -22.38 -7.52
N CYS A 406 -9.16 -21.20 -7.68
CA CYS A 406 -7.85 -21.06 -8.29
C CYS A 406 -6.75 -20.72 -7.30
N ARG A 407 -7.10 -20.07 -6.19
N ARG A 407 -7.07 -20.09 -6.17
CA ARG A 407 -6.13 -19.79 -5.15
CA ARG A 407 -6.06 -19.72 -5.17
C ARG A 407 -5.69 -21.08 -4.46
C ARG A 407 -5.67 -20.94 -4.36
N VAL A 408 -4.38 -21.29 -4.40
CA VAL A 408 -3.82 -22.38 -3.63
C VAL A 408 -2.75 -21.79 -2.71
N ASN A 409 -2.24 -22.63 -1.81
CA ASN A 409 -1.23 -22.16 -0.87
C ASN A 409 -0.05 -21.52 -1.60
N GLY A 410 0.32 -22.05 -2.76
CA GLY A 410 1.52 -21.57 -3.43
C GLY A 410 1.31 -20.56 -4.55
N GLY A 411 0.13 -19.94 -4.61
CA GLY A 411 -0.14 -18.98 -5.68
C GLY A 411 -1.52 -19.14 -6.28
N TYR A 412 -1.63 -19.03 -7.60
CA TYR A 412 -2.86 -19.27 -8.34
C TYR A 412 -2.61 -20.29 -9.43
N SER A 413 -3.54 -21.24 -9.60
CA SER A 413 -3.44 -22.28 -10.59
C SER A 413 -4.64 -22.24 -11.52
N GLY A 414 -4.41 -22.59 -12.79
CA GLY A 414 -5.52 -22.85 -13.69
C GLY A 414 -6.19 -24.17 -13.37
N LEU A 415 -7.31 -24.42 -14.06
CA LEU A 415 -8.17 -25.57 -13.81
C LEU A 415 -8.38 -26.32 -15.12
N ARG A 416 -8.55 -27.64 -15.03
CA ARG A 416 -8.76 -28.43 -16.23
C ARG A 416 -10.23 -28.61 -16.59
N ASP A 417 -11.14 -28.48 -15.64
CA ASP A 417 -12.56 -28.74 -15.91
C ASP A 417 -13.39 -27.86 -14.97
N VAL A 418 -13.92 -26.76 -15.52
CA VAL A 418 -14.70 -25.79 -14.74
C VAL A 418 -16.09 -26.30 -14.43
N TYR A 419 -16.43 -27.51 -14.87
CA TYR A 419 -17.78 -28.05 -14.68
C TYR A 419 -17.87 -29.07 -13.56
N ILE A 420 -16.77 -29.41 -12.89
CA ILE A 420 -16.78 -30.37 -11.79
C ILE A 420 -16.42 -29.66 -10.47
N ALA A 421 -16.90 -30.27 -9.37
CA ALA A 421 -16.65 -29.72 -8.04
C ALA A 421 -15.23 -29.99 -7.58
N ARG A 422 -14.70 -31.16 -7.92
CA ARG A 422 -13.38 -31.58 -7.49
C ARG A 422 -12.29 -30.79 -8.21
N GLU A 423 -11.26 -30.40 -7.48
CA GLU A 423 -10.21 -29.57 -8.03
C GLU A 423 -9.40 -30.32 -9.08
N SER A 424 -8.93 -29.57 -10.09
CA SER A 424 -8.23 -30.12 -11.23
C SER A 424 -7.12 -29.15 -11.64
N TYR A 425 -6.11 -28.97 -10.79
CA TYR A 425 -5.12 -27.90 -10.95
C TYR A 425 -4.13 -28.23 -12.07
N ASP A 426 -3.88 -27.27 -12.97
CA ASP A 426 -2.88 -27.51 -13.99
C ASP A 426 -1.48 -27.13 -13.54
N ASP A 427 -1.33 -26.53 -12.35
CA ASP A 427 -0.02 -26.25 -11.75
C ASP A 427 0.79 -25.24 -12.57
N VAL A 428 0.13 -24.24 -13.14
CA VAL A 428 0.82 -23.14 -13.82
C VAL A 428 0.18 -21.82 -13.43
N GLN A 429 0.98 -20.90 -12.89
CA GLN A 429 0.52 -19.52 -12.65
C GLN A 429 0.99 -18.69 -13.84
N GLN A 430 0.09 -18.48 -14.81
CA GLN A 430 0.42 -17.75 -16.02
C GLN A 430 0.81 -16.32 -15.69
N SER A 431 1.87 -15.81 -16.33
CA SER A 431 2.28 -14.45 -16.00
C SER A 431 1.20 -13.44 -16.38
N PHE A 432 0.36 -13.75 -17.38
CA PHE A 432 -0.70 -12.80 -17.70
C PHE A 432 -1.77 -12.71 -16.61
N PHE A 433 -1.78 -13.62 -15.63
CA PHE A 433 -2.68 -13.41 -14.49
C PHE A 433 -2.26 -12.16 -13.72
N LEU A 434 -0.95 -11.94 -13.59
CA LEU A 434 -0.46 -10.77 -12.87
C LEU A 434 -0.44 -9.53 -13.74
N ALA A 435 -0.11 -9.70 -15.03
CA ALA A 435 -0.08 -8.54 -15.92
C ALA A 435 -1.50 -8.05 -16.22
N GLU A 436 -2.43 -8.98 -16.44
CA GLU A 436 -3.71 -8.62 -17.02
C GLU A 436 -4.87 -8.85 -16.06
N THR A 437 -5.09 -10.09 -15.64
CA THR A 437 -6.33 -10.42 -14.95
C THR A 437 -6.46 -9.60 -13.69
N LEU A 438 -5.38 -9.53 -12.90
CA LEU A 438 -5.43 -8.75 -11.68
C LEU A 438 -5.37 -7.25 -11.95
N LYS A 439 -4.65 -6.81 -13.00
CA LYS A 439 -4.63 -5.38 -13.27
C LYS A 439 -6.02 -4.89 -13.66
N TYR A 440 -6.70 -5.61 -14.56
CA TYR A 440 -8.02 -5.18 -14.99
C TYR A 440 -9.02 -5.21 -13.85
N LEU A 441 -8.95 -6.23 -12.99
CA LEU A 441 -9.80 -6.23 -11.79
C LEU A 441 -9.52 -5.03 -10.89
N TYR A 442 -8.24 -4.71 -10.68
CA TYR A 442 -7.91 -3.56 -9.85
C TYR A 442 -8.44 -2.28 -10.45
N LEU A 443 -8.33 -2.13 -11.79
CA LEU A 443 -8.83 -0.92 -12.44
C LEU A 443 -10.34 -0.83 -12.39
N ILE A 444 -11.03 -1.97 -12.54
CA ILE A 444 -12.50 -1.98 -12.46
C ILE A 444 -12.98 -1.37 -11.15
N PHE A 445 -12.29 -1.67 -10.05
CA PHE A 445 -12.70 -1.13 -8.76
C PHE A 445 -11.89 0.10 -8.35
N SER A 446 -11.32 0.80 -9.32
CA SER A 446 -10.72 2.12 -9.14
C SER A 446 -11.64 3.17 -9.76
N ASP A 447 -11.30 4.44 -9.52
CA ASP A 447 -11.97 5.52 -10.24
C ASP A 447 -11.55 5.50 -11.71
N ASP A 448 -12.36 6.18 -12.54
CA ASP A 448 -12.12 6.23 -13.99
C ASP A 448 -10.78 6.86 -14.34
N ASP A 449 -10.25 7.74 -13.49
CA ASP A 449 -9.08 8.52 -13.86
C ASP A 449 -7.76 7.88 -13.44
N LEU A 450 -7.78 6.63 -12.99
CA LEU A 450 -6.56 5.84 -12.87
C LEU A 450 -6.32 5.14 -14.20
N LEU A 451 -5.23 5.51 -14.88
CA LEU A 451 -4.97 5.10 -16.26
C LEU A 451 -6.20 5.37 -17.13
N PRO A 452 -6.60 6.63 -17.27
CA PRO A 452 -7.85 6.93 -17.98
C PRO A 452 -7.72 6.56 -19.45
N LEU A 453 -8.78 5.95 -19.99
CA LEU A 453 -8.74 5.49 -21.38
C LEU A 453 -8.52 6.63 -22.35
N GLU A 454 -8.84 7.87 -21.95
CA GLU A 454 -8.61 9.02 -22.82
C GLU A 454 -7.14 9.24 -23.12
N HIS A 455 -6.24 8.75 -22.27
CA HIS A 455 -4.81 9.02 -22.39
C HIS A 455 -3.94 7.77 -22.49
N TRP A 456 -4.49 6.58 -22.27
CA TRP A 456 -3.72 5.34 -22.21
C TRP A 456 -4.41 4.30 -23.08
N ILE A 457 -3.61 3.65 -23.94
CA ILE A 457 -4.05 2.53 -24.77
C ILE A 457 -3.38 1.29 -24.20
N PHE A 458 -4.16 0.28 -23.85
CA PHE A 458 -3.57 -0.94 -23.32
C PHE A 458 -3.07 -1.84 -24.45
N ASN A 459 -1.83 -2.33 -24.33
CA ASN A 459 -1.39 -3.34 -25.29
C ASN A 459 -2.15 -4.63 -24.97
N THR A 460 -1.92 -5.68 -25.77
CA THR A 460 -2.74 -6.88 -25.64
C THR A 460 -2.36 -7.71 -24.41
N GLU A 461 -1.33 -7.32 -23.69
CA GLU A 461 -0.97 -7.91 -22.39
C GLU A 461 -1.23 -6.92 -21.25
N ALA A 462 -2.18 -6.00 -21.47
CA ALA A 462 -2.61 -5.00 -20.48
C ALA A 462 -1.48 -4.06 -20.06
N HIS A 463 -0.53 -3.81 -20.95
CA HIS A 463 0.53 -2.85 -20.63
C HIS A 463 0.15 -1.50 -21.22
N PRO A 464 -0.15 -0.49 -20.40
CA PRO A 464 -0.68 0.77 -20.92
C PRO A 464 0.42 1.61 -21.56
N PHE A 465 0.13 2.14 -22.75
CA PHE A 465 1.00 3.05 -23.50
C PHE A 465 0.33 4.40 -23.66
N PRO A 466 1.07 5.51 -23.58
CA PRO A 466 0.47 6.81 -23.79
C PRO A 466 0.20 7.05 -25.28
N ILE A 467 -0.75 7.96 -25.53
CA ILE A 467 -1.07 8.35 -26.89
C ILE A 467 0.05 9.19 -27.48
N LEU A 468 0.40 8.91 -28.75
CA LEU A 468 1.46 9.60 -29.47
C LEU A 468 0.88 10.73 -30.31
N ARG A 469 1.35 11.95 -30.08
CA ARG A 469 0.91 13.10 -30.86
C ARG A 469 2.08 14.03 -31.18
N VAL B 1 -10.41 -9.34 11.80
CA VAL B 1 -11.85 -9.21 11.88
C VAL B 1 -12.35 -9.78 13.21
N ASP B 2 -11.66 -10.79 13.73
CA ASP B 2 -12.11 -11.50 14.92
C ASP B 2 -11.09 -11.38 16.05
N PHE B 3 -11.60 -11.29 17.28
CA PHE B 3 -10.76 -11.11 18.46
C PHE B 3 -10.09 -12.41 18.86
N LEU B 4 -8.79 -12.34 19.15
CA LEU B 4 -7.99 -13.42 19.71
C LEU B 4 -7.46 -12.96 21.07
N PRO B 5 -7.48 -13.82 22.08
CA PRO B 5 -6.98 -13.42 23.41
C PRO B 5 -5.55 -12.88 23.34
N PRO B 6 -5.27 -11.81 24.07
CA PRO B 6 -3.95 -11.17 23.95
C PRO B 6 -2.84 -12.04 24.53
N VAL B 7 -1.69 -11.99 23.88
CA VAL B 7 -0.48 -12.67 24.35
C VAL B 7 0.24 -11.77 25.35
N GLY B 8 0.76 -12.36 26.41
CA GLY B 8 1.62 -11.63 27.33
C GLY B 8 0.90 -10.68 28.27
N VAL B 9 -0.33 -10.97 28.64
CA VAL B 9 -1.07 -10.13 29.58
C VAL B 9 -1.20 -10.78 30.95
N GLU B 10 -0.87 -12.05 31.09
CA GLU B 10 -0.91 -12.65 32.41
C GLU B 10 0.13 -11.98 33.30
N ASN B 11 -0.31 -11.52 34.44
CA ASN B 11 0.51 -10.72 35.34
C ASN B 11 0.95 -11.60 36.50
N ARG B 12 2.26 -11.76 36.65
CA ARG B 12 2.85 -12.63 37.65
C ARG B 12 3.69 -11.79 38.62
N GLU B 13 3.56 -12.06 39.91
CA GLU B 13 4.34 -11.31 40.89
C GLU B 13 5.82 -11.58 40.67
N PRO B 14 6.67 -10.54 40.64
CA PRO B 14 8.11 -10.78 40.57
C PRO B 14 8.58 -11.67 41.71
N ALA B 15 9.71 -12.35 41.48
CA ALA B 15 10.21 -13.32 42.44
C ALA B 15 10.90 -12.66 43.62
N ASP B 16 11.38 -11.43 43.45
CA ASP B 16 12.07 -10.72 44.51
C ASP B 16 11.09 -9.87 45.30
N ALA B 17 11.15 -9.97 46.64
CA ALA B 17 10.18 -9.28 47.48
C ALA B 17 10.26 -7.76 47.33
N THR B 18 11.46 -7.21 47.23
CA THR B 18 11.59 -5.77 47.12
C THR B 18 10.99 -5.27 45.81
N ILE B 19 11.16 -6.03 44.72
CA ILE B 19 10.56 -5.61 43.46
C ILE B 19 9.04 -5.68 43.54
N ARG B 20 8.50 -6.74 44.17
CA ARG B 20 7.06 -6.84 44.38
C ARG B 20 6.53 -5.64 45.14
N GLU B 21 7.23 -5.23 46.19
CA GLU B 21 6.75 -4.15 47.05
C GLU B 21 6.85 -2.81 46.34
N LYS B 22 7.92 -2.61 45.56
CA LYS B 22 8.03 -1.39 44.76
C LYS B 22 6.91 -1.31 43.73
N ARG B 23 6.61 -2.43 43.08
CA ARG B 23 5.52 -2.40 42.08
C ARG B 23 4.17 -2.16 42.75
N ALA B 24 3.94 -2.77 43.91
CA ALA B 24 2.70 -2.53 44.65
C ALA B 24 2.54 -1.06 45.01
N LYS B 25 3.64 -0.38 45.33
CA LYS B 25 3.58 1.05 45.59
C LYS B 25 3.10 1.82 44.37
N ILE B 26 3.58 1.45 43.18
N ILE B 26 3.56 1.44 43.18
CA ILE B 26 3.15 2.11 41.95
CA ILE B 26 3.14 2.14 41.98
C ILE B 26 1.65 1.95 41.77
C ILE B 26 1.66 1.93 41.72
N LYS B 27 1.14 0.74 42.02
CA LYS B 27 -0.30 0.52 41.90
C LYS B 27 -1.05 1.39 42.90
N GLU B 28 -0.52 1.53 44.12
CA GLU B 28 -1.14 2.42 45.09
C GLU B 28 -1.13 3.88 44.60
N MET B 29 -0.09 4.28 43.87
CA MET B 29 -0.08 5.63 43.30
C MET B 29 -1.17 5.77 42.24
N MET B 30 -1.36 4.75 41.41
CA MET B 30 -2.45 4.79 40.44
C MET B 30 -3.80 4.86 41.14
N THR B 31 -3.96 4.11 42.23
CA THR B 31 -5.21 4.14 42.97
C THR B 31 -5.49 5.56 43.48
N HIS B 32 -4.45 6.23 43.94
CA HIS B 32 -4.57 7.62 44.43
C HIS B 32 -4.97 8.55 43.29
N ALA B 33 -4.31 8.43 42.14
CA ALA B 33 -4.63 9.31 41.01
C ALA B 33 -6.04 9.05 40.50
N TRP B 34 -6.42 7.76 40.37
CA TRP B 34 -7.72 7.41 39.84
C TRP B 34 -8.84 7.75 40.81
N ASN B 35 -8.70 7.37 42.08
CA ASN B 35 -9.79 7.60 43.02
C ASN B 35 -10.07 9.09 43.18
N ASN B 36 -9.03 9.91 43.14
CA ASN B 36 -9.27 11.35 43.28
C ASN B 36 -9.84 11.95 42.00
N TYR B 37 -9.41 11.47 40.82
CA TYR B 37 -10.08 11.87 39.59
C TYR B 37 -11.58 11.57 39.68
N LYS B 38 -11.93 10.38 40.14
CA LYS B 38 -13.34 9.99 40.19
C LYS B 38 -14.10 10.79 41.24
N ARG B 39 -13.45 11.14 42.34
CA ARG B 39 -14.13 11.85 43.42
C ARG B 39 -14.51 13.29 43.01
N TYR B 40 -13.66 13.96 42.24
CA TYR B 40 -13.86 15.38 41.99
C TYR B 40 -14.10 15.75 40.53
N ALA B 41 -13.82 14.86 39.58
CA ALA B 41 -13.82 15.26 38.17
C ALA B 41 -14.35 14.16 37.27
N TRP B 42 -15.22 13.29 37.78
CA TRP B 42 -15.67 12.14 37.00
C TRP B 42 -16.37 12.60 35.72
N GLY B 43 -15.91 12.07 34.58
CA GLY B 43 -16.45 12.41 33.29
C GLY B 43 -15.78 13.59 32.61
N LEU B 44 -15.05 14.42 33.36
CA LEU B 44 -14.31 15.52 32.77
C LEU B 44 -12.96 15.03 32.27
N ASN B 45 -12.30 15.86 31.48
CA ASN B 45 -11.11 15.34 30.79
C ASN B 45 -9.96 15.11 31.76
N GLU B 46 -9.71 16.04 32.68
CA GLU B 46 -8.63 15.90 33.63
C GLU B 46 -9.06 16.44 34.99
N LEU B 47 -8.22 16.20 35.98
CA LEU B 47 -8.45 16.62 37.35
C LEU B 47 -7.52 17.79 37.71
N LYS B 48 -8.08 18.78 38.42
CA LYS B 48 -7.29 19.77 39.14
C LYS B 48 -7.16 19.28 40.58
N PRO B 49 -5.99 18.80 41.01
CA PRO B 49 -5.93 18.12 42.32
C PRO B 49 -5.88 19.07 43.50
N ILE B 50 -5.55 20.34 43.31
CA ILE B 50 -5.59 21.28 44.43
C ILE B 50 -6.98 21.89 44.59
N SER B 51 -7.54 22.39 43.48
CA SER B 51 -8.90 22.90 43.47
C SER B 51 -9.94 21.82 43.66
N LYS B 52 -9.57 20.56 43.41
CA LYS B 52 -10.50 19.44 43.49
C LYS B 52 -11.72 19.68 42.61
N GLU B 53 -11.44 19.86 41.31
CA GLU B 53 -12.49 19.99 40.32
C GLU B 53 -11.93 19.57 38.98
N GLY B 54 -12.73 19.72 37.92
CA GLY B 54 -12.30 19.30 36.60
C GLY B 54 -11.40 20.31 35.90
N HIS B 55 -10.59 19.80 34.96
CA HIS B 55 -9.79 20.61 34.07
C HIS B 55 -10.15 20.22 32.65
N SER B 56 -10.49 21.20 31.81
CA SER B 56 -10.96 20.95 30.45
C SER B 56 -10.03 21.63 29.45
N SER B 57 -9.00 20.92 29.01
CA SER B 57 -8.07 21.47 28.03
C SER B 57 -8.79 21.66 26.70
N SER B 58 -8.51 22.78 26.05
CA SER B 58 -9.09 23.06 24.74
C SER B 58 -8.60 22.09 23.67
N LEU B 59 -7.53 21.33 23.93
CA LEU B 59 -7.06 20.33 22.99
C LEU B 59 -8.13 19.26 22.73
N PHE B 60 -9.05 19.06 23.66
CA PHE B 60 -10.04 18.01 23.54
C PHE B 60 -11.40 18.53 23.09
N GLY B 61 -11.51 19.82 22.78
CA GLY B 61 -12.80 20.37 22.36
C GLY B 61 -13.88 20.09 23.39
N ASN B 62 -14.99 19.51 22.92
CA ASN B 62 -16.11 19.14 23.77
C ASN B 62 -16.20 17.64 24.02
N ILE B 63 -15.16 16.89 23.65
CA ILE B 63 -15.10 15.49 24.04
C ILE B 63 -14.92 15.41 25.56
N LYS B 64 -15.47 14.36 26.17
CA LYS B 64 -15.36 14.14 27.60
C LYS B 64 -14.49 12.93 27.91
N GLY B 65 -14.06 12.83 29.16
CA GLY B 65 -13.49 11.61 29.70
C GLY B 65 -12.10 11.22 29.25
N ALA B 66 -11.24 12.20 28.93
CA ALA B 66 -9.89 11.88 28.48
C ALA B 66 -9.14 11.01 29.49
N THR B 67 -9.20 11.38 30.78
CA THR B 67 -8.51 10.57 31.78
C THR B 67 -9.10 9.16 31.86
N ILE B 68 -10.40 9.01 31.64
CA ILE B 68 -11.02 7.68 31.67
C ILE B 68 -10.48 6.82 30.55
N VAL B 69 -10.48 7.33 29.32
CA VAL B 69 -10.01 6.56 28.17
C VAL B 69 -8.51 6.32 28.25
N ASP B 70 -7.74 7.34 28.64
CA ASP B 70 -6.29 7.20 28.73
C ASP B 70 -5.89 6.18 29.78
N ALA B 71 -6.69 6.01 30.84
CA ALA B 71 -6.34 5.13 31.95
C ALA B 71 -6.74 3.68 31.74
N LEU B 72 -7.61 3.39 30.75
CA LEU B 72 -8.19 2.05 30.64
C LEU B 72 -7.13 0.97 30.68
N ASP B 73 -6.10 1.08 29.83
CA ASP B 73 -5.18 -0.04 29.73
C ASP B 73 -4.27 -0.13 30.95
N THR B 74 -3.94 1.00 31.57
CA THR B 74 -3.20 0.96 32.83
C THR B 74 -4.02 0.25 33.91
N LEU B 75 -5.29 0.63 34.05
CA LEU B 75 -6.15 -0.06 35.01
C LEU B 75 -6.19 -1.56 34.71
N PHE B 76 -6.31 -1.92 33.43
CA PHE B 76 -6.42 -3.32 33.05
C PHE B 76 -5.16 -4.10 33.43
N ILE B 77 -3.99 -3.56 33.06
N ILE B 77 -3.97 -3.57 33.06
CA ILE B 77 -2.70 -4.21 33.29
CA ILE B 77 -2.75 -4.32 33.33
C ILE B 77 -2.41 -4.35 34.78
C ILE B 77 -2.46 -4.40 34.82
N MET B 78 -2.83 -3.38 35.59
CA MET B 78 -2.63 -3.46 37.03
C MET B 78 -3.66 -4.32 37.74
N GLY B 79 -4.59 -4.92 37.00
CA GLY B 79 -5.59 -5.77 37.62
C GLY B 79 -6.66 -5.03 38.39
N MET B 80 -6.91 -3.75 38.06
CA MET B 80 -7.94 -2.96 38.72
C MET B 80 -9.26 -3.19 37.97
N LYS B 81 -9.86 -4.36 38.22
CA LYS B 81 -10.98 -4.81 37.40
C LYS B 81 -12.24 -3.99 37.65
N THR B 82 -12.53 -3.68 38.92
CA THR B 82 -13.70 -2.85 39.22
C THR B 82 -13.59 -1.48 38.57
N GLU B 83 -12.41 -0.86 38.63
CA GLU B 83 -12.20 0.44 38.01
C GLU B 83 -12.31 0.35 36.50
N PHE B 84 -11.74 -0.69 35.90
CA PHE B 84 -11.86 -0.88 34.46
C PHE B 84 -13.33 -0.98 34.05
N GLN B 85 -14.13 -1.72 34.82
CA GLN B 85 -15.54 -1.89 34.47
C GLN B 85 -16.31 -0.57 34.59
N GLU B 86 -16.01 0.24 35.62
CA GLU B 86 -16.73 1.50 35.77
C GLU B 86 -16.32 2.49 34.68
N ALA B 87 -15.06 2.43 34.27
CA ALA B 87 -14.62 3.21 33.12
C ALA B 87 -15.35 2.79 31.85
N LYS B 88 -15.46 1.47 31.63
CA LYS B 88 -16.18 0.99 30.45
C LYS B 88 -17.63 1.42 30.46
N SER B 89 -18.30 1.33 31.61
CA SER B 89 -19.71 1.72 31.67
C SER B 89 -19.89 3.20 31.35
N TRP B 90 -18.98 4.05 31.82
CA TRP B 90 -19.07 5.46 31.47
C TRP B 90 -18.89 5.66 29.97
N ILE B 91 -17.92 4.97 29.38
CA ILE B 91 -17.67 5.11 27.94
C ILE B 91 -18.91 4.69 27.16
N LYS B 92 -19.56 3.60 27.57
CA LYS B 92 -20.75 3.13 26.86
C LYS B 92 -21.86 4.17 26.88
N LYS B 93 -22.02 4.90 27.97
CA LYS B 93 -23.15 5.81 28.10
C LYS B 93 -22.85 7.23 27.63
N TYR B 94 -21.62 7.72 27.80
CA TYR B 94 -21.35 9.15 27.71
C TYR B 94 -20.27 9.57 26.72
N LEU B 95 -19.46 8.66 26.20
CA LEU B 95 -18.39 9.08 25.29
C LEU B 95 -19.01 9.38 23.93
N ASP B 96 -18.88 10.64 23.49
CA ASP B 96 -19.63 11.16 22.35
C ASP B 96 -18.69 11.94 21.44
N PHE B 97 -18.63 11.57 20.16
CA PHE B 97 -17.76 12.25 19.22
C PHE B 97 -18.50 13.17 18.27
N ASN B 98 -19.83 13.23 18.35
CA ASN B 98 -20.61 14.10 17.47
C ASN B 98 -20.91 15.42 18.18
N VAL B 99 -19.84 16.19 18.39
CA VAL B 99 -19.90 17.43 19.16
C VAL B 99 -19.22 18.54 18.39
N ASN B 100 -19.64 19.78 18.67
CA ASN B 100 -19.02 20.96 18.07
C ASN B 100 -17.68 21.22 18.75
N ALA B 101 -17.11 22.39 18.48
CA ALA B 101 -15.76 22.80 18.91
C ALA B 101 -14.68 22.02 18.17
N GLU B 102 -13.47 22.59 18.13
CA GLU B 102 -12.34 21.98 17.43
C GLU B 102 -11.53 21.15 18.41
N VAL B 103 -11.02 20.03 17.94
CA VAL B 103 -10.09 19.20 18.71
C VAL B 103 -8.73 19.21 18.03
N SER B 104 -7.69 18.96 18.83
CA SER B 104 -6.38 18.62 18.27
C SER B 104 -6.44 17.23 17.68
N VAL B 105 -6.20 17.10 16.37
CA VAL B 105 -6.23 15.79 15.74
C VAL B 105 -5.18 14.87 16.36
N PHE B 106 -3.98 15.42 16.60
CA PHE B 106 -2.89 14.66 17.20
C PHE B 106 -3.25 14.16 18.58
N GLU B 107 -3.72 15.06 19.44
CA GLU B 107 -4.02 14.67 20.82
C GLU B 107 -5.16 13.66 20.89
N VAL B 108 -6.22 13.87 20.11
N VAL B 108 -6.22 13.84 20.08
CA VAL B 108 -7.33 12.93 20.13
CA VAL B 108 -7.32 12.89 20.18
C VAL B 108 -6.90 11.57 19.56
C VAL B 108 -6.97 11.57 19.50
N ASN B 109 -6.06 11.58 18.51
CA ASN B 109 -5.57 10.32 17.98
C ASN B 109 -4.75 9.55 19.00
N ILE B 110 -3.77 10.19 19.63
CA ILE B 110 -2.86 9.41 20.48
C ILE B 110 -3.53 9.00 21.77
N ARG B 111 -4.47 9.81 22.29
CA ARG B 111 -5.05 9.47 23.58
C ARG B 111 -6.34 8.67 23.45
N PHE B 112 -7.28 9.16 22.63
CA PHE B 112 -8.59 8.50 22.54
C PHE B 112 -8.57 7.32 21.59
N VAL B 113 -8.14 7.52 20.35
CA VAL B 113 -8.05 6.37 19.46
C VAL B 113 -7.11 5.32 20.04
N GLY B 114 -5.92 5.76 20.49
CA GLY B 114 -4.96 4.81 21.02
C GLY B 114 -5.44 4.11 22.27
N GLY B 115 -6.04 4.87 23.20
CA GLY B 115 -6.52 4.27 24.43
C GLY B 115 -7.64 3.26 24.21
N LEU B 116 -8.54 3.56 23.27
CA LEU B 116 -9.61 2.62 22.95
C LEU B 116 -9.06 1.39 22.24
N LEU B 117 -8.11 1.58 21.32
CA LEU B 117 -7.51 0.44 20.63
C LEU B 117 -6.86 -0.52 21.62
N SER B 118 -6.05 0.01 22.54
N SER B 118 -6.04 0.00 22.53
CA SER B 118 -5.37 -0.87 23.48
CA SER B 118 -5.39 -0.87 23.50
C SER B 118 -6.36 -1.55 24.43
C SER B 118 -6.39 -1.57 24.39
N ALA B 119 -7.43 -0.83 24.83
CA ALA B 119 -8.43 -1.45 25.70
C ALA B 119 -9.11 -2.60 25.00
N TYR B 120 -9.35 -2.46 23.68
CA TYR B 120 -9.95 -3.53 22.91
C TYR B 120 -9.04 -4.75 22.82
N TYR B 121 -7.78 -4.54 22.39
CA TYR B 121 -6.86 -5.65 22.24
C TYR B 121 -6.61 -6.38 23.56
N LEU B 122 -6.63 -5.64 24.68
CA LEU B 122 -6.43 -6.29 25.98
C LEU B 122 -7.68 -7.01 26.47
N SER B 123 -8.86 -6.41 26.30
CA SER B 123 -10.05 -6.91 26.99
C SER B 123 -11.01 -7.67 26.08
N GLY B 124 -10.96 -7.45 24.78
CA GLY B 124 -11.94 -8.02 23.87
C GLY B 124 -13.31 -7.40 23.93
N GLU B 125 -13.50 -6.32 24.69
CA GLU B 125 -14.79 -5.65 24.75
C GLU B 125 -15.04 -4.87 23.47
N GLU B 126 -16.09 -5.24 22.72
CA GLU B 126 -16.30 -4.69 21.39
C GLU B 126 -16.69 -3.22 21.41
N ILE B 127 -17.17 -2.70 22.53
CA ILE B 127 -17.47 -1.27 22.61
C ILE B 127 -16.22 -0.45 22.32
N PHE B 128 -15.04 -0.92 22.73
CA PHE B 128 -13.82 -0.15 22.51
C PHE B 128 -13.45 -0.12 21.04
N ARG B 129 -13.63 -1.24 20.34
CA ARG B 129 -13.36 -1.29 18.91
C ARG B 129 -14.36 -0.43 18.14
N LYS B 130 -15.64 -0.53 18.50
CA LYS B 130 -16.68 0.29 17.89
C LYS B 130 -16.36 1.78 18.04
N LYS B 131 -16.00 2.21 19.25
CA LYS B 131 -15.74 3.63 19.48
C LYS B 131 -14.47 4.09 18.80
N ALA B 132 -13.42 3.25 18.80
CA ALA B 132 -12.18 3.63 18.11
C ALA B 132 -12.44 3.90 16.63
N VAL B 133 -13.25 3.06 16.00
CA VAL B 133 -13.51 3.25 14.57
C VAL B 133 -14.41 4.45 14.35
N GLU B 134 -15.41 4.66 15.23
CA GLU B 134 -16.25 5.84 15.10
C GLU B 134 -15.42 7.11 15.11
N LEU B 135 -14.51 7.23 16.07
CA LEU B 135 -13.64 8.40 16.15
C LEU B 135 -12.71 8.50 14.94
N GLY B 136 -12.12 7.38 14.54
CA GLY B 136 -11.29 7.39 13.33
C GLY B 136 -12.02 7.96 12.13
N VAL B 137 -13.25 7.48 11.90
CA VAL B 137 -14.08 8.02 10.82
C VAL B 137 -14.23 9.53 10.95
N LYS B 138 -14.46 10.02 12.18
CA LYS B 138 -14.61 11.45 12.41
C LYS B 138 -13.34 12.24 12.11
N LEU B 139 -12.16 11.61 12.18
CA LEU B 139 -10.91 12.33 11.91
C LEU B 139 -10.57 12.38 10.42
N LEU B 140 -11.22 11.56 9.59
CA LEU B 140 -10.86 11.54 8.17
C LEU B 140 -10.87 12.90 7.47
N PRO B 141 -11.80 13.82 7.73
CA PRO B 141 -11.74 15.13 7.04
C PRO B 141 -10.52 15.96 7.40
N ALA B 142 -9.76 15.61 8.44
CA ALA B 142 -8.52 16.35 8.71
C ALA B 142 -7.54 16.26 7.55
N PHE B 143 -7.63 15.21 6.73
CA PHE B 143 -6.68 14.99 5.64
C PHE B 143 -7.13 15.63 4.33
N HIS B 144 -8.22 16.40 4.36
CA HIS B 144 -8.81 17.00 3.16
C HIS B 144 -8.07 18.29 2.79
N THR B 145 -6.80 18.13 2.41
CA THR B 145 -5.94 19.24 2.04
C THR B 145 -5.30 18.94 0.68
N PRO B 146 -4.74 19.94 0.01
CA PRO B 146 -4.17 19.65 -1.32
C PRO B 146 -3.08 18.58 -1.32
N SER B 147 -2.26 18.56 -0.28
CA SER B 147 -1.16 17.60 -0.19
C SER B 147 -1.55 16.30 0.49
N GLY B 148 -2.63 16.29 1.28
CA GLY B 148 -2.94 15.17 2.13
C GLY B 148 -2.32 15.25 3.51
N ILE B 149 -1.44 16.21 3.73
CA ILE B 149 -0.96 16.50 5.10
C ILE B 149 -2.11 17.08 5.90
N PRO B 150 -2.43 16.53 7.08
CA PRO B 150 -3.67 16.91 7.75
C PRO B 150 -3.60 18.23 8.51
N TRP B 151 -4.77 18.82 8.68
CA TRP B 151 -4.98 19.95 9.59
C TRP B 151 -4.67 19.56 11.03
N ALA B 152 -4.21 20.55 11.81
CA ALA B 152 -3.96 20.35 13.24
C ALA B 152 -5.25 20.25 14.04
N LEU B 153 -6.24 21.07 13.67
CA LEU B 153 -7.48 21.24 14.41
C LEU B 153 -8.64 20.79 13.55
N LEU B 154 -9.64 20.16 14.16
CA LEU B 154 -10.78 19.70 13.38
C LEU B 154 -12.06 19.84 14.20
N ASN B 155 -13.06 20.48 13.61
CA ASN B 155 -14.40 20.41 14.14
C ASN B 155 -14.99 19.09 13.66
N MET B 156 -15.18 18.13 14.58
CA MET B 156 -15.60 16.81 14.13
C MET B 156 -17.04 16.76 13.65
N LYS B 157 -17.89 17.70 14.09
CA LYS B 157 -19.27 17.68 13.62
C LYS B 157 -19.41 18.24 12.22
N SER B 158 -18.71 19.34 11.90
CA SER B 158 -18.78 19.95 10.58
C SER B 158 -17.76 19.39 9.59
N GLY B 159 -16.72 18.71 10.07
CA GLY B 159 -15.66 18.21 9.23
C GLY B 159 -14.74 19.28 8.68
N ILE B 160 -14.71 20.46 9.31
CA ILE B 160 -13.92 21.59 8.82
C ILE B 160 -12.70 21.74 9.74
N GLY B 161 -11.50 21.83 9.14
CA GLY B 161 -10.26 21.89 9.89
C GLY B 161 -9.48 23.17 9.61
N ARG B 162 -8.41 23.35 10.39
CA ARG B 162 -7.46 24.43 10.17
C ARG B 162 -6.19 24.15 10.95
N ASN B 163 -5.13 24.93 10.70
CA ASN B 163 -3.92 24.76 11.47
C ASN B 163 -3.90 25.73 12.65
N TRP B 164 -2.93 25.52 13.54
CA TRP B 164 -2.83 26.35 14.74
C TRP B 164 -2.65 27.81 14.36
N PRO B 165 -3.41 28.73 14.97
CA PRO B 165 -3.27 30.16 14.62
C PRO B 165 -1.85 30.68 14.71
N TRP B 166 -1.07 30.26 15.71
CA TRP B 166 0.29 30.74 15.87
C TRP B 166 1.33 29.78 15.31
N ALA B 167 0.91 28.74 14.60
CA ALA B 167 1.86 27.88 13.91
C ALA B 167 2.67 28.70 12.92
N SER B 168 3.99 28.56 12.98
CA SER B 168 4.89 29.16 12.01
C SER B 168 4.38 29.02 10.60
N GLY B 169 4.04 30.15 9.95
CA GLY B 169 3.62 30.15 8.56
C GLY B 169 2.31 29.46 8.24
N GLY B 170 1.50 29.16 9.26
CA GLY B 170 0.32 28.34 9.03
C GLY B 170 0.62 26.89 8.73
N SER B 171 1.84 26.43 9.03
CA SER B 171 2.28 25.07 8.69
C SER B 171 1.65 24.04 9.61
N SER B 172 1.59 22.80 9.12
CA SER B 172 1.31 21.65 9.98
C SER B 172 2.60 21.21 10.67
N ILE B 173 2.45 20.63 11.86
CA ILE B 173 3.58 20.30 12.72
C ILE B 173 3.94 18.83 12.54
N LEU B 174 5.25 18.57 12.37
CA LEU B 174 5.75 17.26 12.00
C LEU B 174 5.32 16.18 12.99
N ALA B 175 5.55 16.43 14.29
CA ALA B 175 5.12 15.43 15.28
C ALA B 175 3.63 15.21 15.26
N GLU B 176 2.83 16.23 14.88
CA GLU B 176 1.39 16.04 14.93
C GLU B 176 0.90 15.17 13.77
N PHE B 177 1.29 15.50 12.52
CA PHE B 177 0.81 14.65 11.44
C PHE B 177 1.64 13.39 11.28
N GLY B 178 2.84 13.35 11.86
CA GLY B 178 3.73 12.20 11.79
C GLY B 178 3.46 11.15 12.83
N THR B 179 2.52 11.40 13.74
CA THR B 179 2.25 10.50 14.85
C THR B 179 0.80 10.01 14.76
N LEU B 180 0.35 9.74 13.55
CA LEU B 180 -0.93 9.11 13.32
C LEU B 180 -0.80 7.69 12.80
N HIS B 181 0.41 7.26 12.43
CA HIS B 181 0.56 6.08 11.59
C HIS B 181 0.07 4.82 12.29
N LEU B 182 0.52 4.59 13.54
CA LEU B 182 0.24 3.32 14.20
C LEU B 182 -1.26 3.13 14.40
N GLU B 183 -1.94 4.17 14.89
CA GLU B 183 -3.37 4.07 15.15
C GLU B 183 -4.14 3.80 13.87
N PHE B 184 -3.79 4.51 12.81
CA PHE B 184 -4.54 4.38 11.56
C PHE B 184 -4.31 3.03 10.89
N MET B 185 -3.11 2.44 11.04
CA MET B 185 -2.93 1.08 10.53
C MET B 185 -3.86 0.11 11.25
N HIS B 186 -4.04 0.29 12.56
CA HIS B 186 -4.94 -0.59 13.29
C HIS B 186 -6.41 -0.29 12.97
N LEU B 187 -6.75 0.97 12.67
CA LEU B 187 -8.12 1.25 12.26
C LEU B 187 -8.47 0.53 10.97
N SER B 188 -7.55 0.52 10.00
CA SER B 188 -7.81 -0.23 8.78
C SER B 188 -7.90 -1.73 9.05
N HIS B 189 -7.03 -2.24 9.92
CA HIS B 189 -7.08 -3.67 10.26
C HIS B 189 -8.42 -4.06 10.85
N LEU B 190 -8.91 -3.27 11.81
CA LEU B 190 -10.12 -3.65 12.54
C LEU B 190 -11.40 -3.33 11.77
N SER B 191 -11.41 -2.23 11.00
CA SER B 191 -12.58 -1.90 10.20
C SER B 191 -12.65 -2.67 8.88
N GLY B 192 -11.52 -3.19 8.40
CA GLY B 192 -11.45 -3.73 7.06
C GLY B 192 -11.43 -2.70 5.95
N ASP B 193 -11.43 -1.40 6.28
CA ASP B 193 -11.49 -0.32 5.31
C ASP B 193 -10.09 0.24 5.10
N PRO B 194 -9.53 0.19 3.88
CA PRO B 194 -8.16 0.68 3.67
C PRO B 194 -8.02 2.19 3.73
N VAL B 195 -9.12 2.93 3.90
CA VAL B 195 -9.04 4.38 3.86
C VAL B 195 -8.07 4.92 4.90
N PHE B 196 -8.07 4.31 6.10
CA PHE B 196 -7.24 4.84 7.19
C PHE B 196 -5.76 4.68 6.89
N ALA B 197 -5.35 3.47 6.48
CA ALA B 197 -3.96 3.25 6.11
C ALA B 197 -3.54 4.16 4.97
N GLU B 198 -4.44 4.38 4.00
CA GLU B 198 -4.07 5.20 2.85
C GLU B 198 -3.77 6.64 3.26
N LYS B 199 -4.52 7.17 4.24
CA LYS B 199 -4.27 8.54 4.69
C LYS B 199 -2.86 8.69 5.23
N VAL B 200 -2.40 7.74 6.06
CA VAL B 200 -1.09 7.94 6.66
C VAL B 200 0.01 7.49 5.71
N MET B 201 -0.28 6.59 4.78
CA MET B 201 0.70 6.27 3.75
CA MET B 201 0.69 6.26 3.74
C MET B 201 0.91 7.44 2.80
N LYS B 202 -0.12 8.27 2.58
CA LYS B 202 0.06 9.43 1.72
C LYS B 202 0.99 10.45 2.37
N ILE B 203 0.94 10.57 3.70
CA ILE B 203 1.90 11.43 4.40
C ILE B 203 3.32 11.00 4.10
N ARG B 204 3.58 9.68 4.12
CA ARG B 204 4.89 9.17 3.72
C ARG B 204 5.28 9.61 2.31
N THR B 205 4.34 9.50 1.36
CA THR B 205 4.65 9.84 -0.02
C THR B 205 5.05 11.31 -0.15
N VAL B 206 4.35 12.20 0.55
CA VAL B 206 4.70 13.61 0.55
C VAL B 206 6.10 13.82 1.08
N LEU B 207 6.40 13.23 2.24
CA LEU B 207 7.70 13.41 2.87
C LEU B 207 8.81 12.87 1.97
N ASN B 208 8.58 11.71 1.34
CA ASN B 208 9.61 11.11 0.51
C ASN B 208 9.84 11.86 -0.79
N LYS B 209 8.90 12.69 -1.24
CA LYS B 209 9.16 13.51 -2.42
C LYS B 209 10.04 14.71 -2.12
N LEU B 210 10.16 15.09 -0.86
CA LEU B 210 10.89 16.31 -0.47
C LEU B 210 12.37 16.02 -0.25
N ASP B 211 13.20 16.96 -0.67
CA ASP B 211 14.58 17.00 -0.21
C ASP B 211 14.62 17.36 1.27
N LYS B 212 15.32 16.54 2.07
CA LYS B 212 15.49 16.84 3.49
C LYS B 212 16.75 17.66 3.67
N PRO B 213 16.68 18.88 4.21
CA PRO B 213 17.90 19.68 4.41
C PRO B 213 18.88 18.94 5.32
N GLU B 214 20.04 18.59 4.77
CA GLU B 214 21.09 17.91 5.54
C GLU B 214 20.59 16.57 6.10
N GLY B 215 19.60 15.96 5.45
CA GLY B 215 19.00 14.73 5.93
C GLY B 215 18.07 14.90 7.12
N LEU B 216 17.79 16.14 7.51
CA LEU B 216 16.95 16.44 8.66
C LEU B 216 15.54 16.82 8.22
N TYR B 217 14.60 16.70 9.15
CA TYR B 217 13.19 16.98 8.91
C TYR B 217 12.78 18.26 9.62
N PRO B 218 12.51 19.35 8.91
CA PRO B 218 11.89 20.51 9.57
C PRO B 218 10.58 20.13 10.26
N ASN B 219 10.30 20.81 11.36
CA ASN B 219 9.09 20.55 12.12
C ASN B 219 7.83 21.15 11.50
N TYR B 220 7.95 21.86 10.38
CA TYR B 220 6.84 22.56 9.76
C TYR B 220 6.71 22.16 8.30
N LEU B 221 5.51 21.77 7.89
CA LEU B 221 5.22 21.42 6.50
C LEU B 221 3.90 22.07 6.12
N ASN B 222 3.88 22.82 5.01
CA ASN B 222 2.66 23.53 4.62
C ASN B 222 1.68 22.58 3.92
N PRO B 223 0.47 22.40 4.44
CA PRO B 223 -0.44 21.41 3.82
C PRO B 223 -0.97 21.84 2.47
N SER B 224 -0.98 23.14 2.17
CA SER B 224 -1.50 23.62 0.90
C SER B 224 -0.52 23.38 -0.25
N SER B 225 0.78 23.47 0.04
CA SER B 225 1.81 23.36 -0.99
C SER B 225 2.60 22.07 -0.93
N GLY B 226 2.58 21.36 0.19
CA GLY B 226 3.43 20.20 0.39
C GLY B 226 4.90 20.53 0.57
N GLN B 227 5.23 21.80 0.82
CA GLN B 227 6.61 22.27 0.95
C GLN B 227 6.95 22.57 2.41
N TRP B 228 8.24 22.51 2.73
CA TRP B 228 8.68 22.80 4.09
C TRP B 228 8.34 24.22 4.49
N GLY B 229 7.99 24.39 5.77
CA GLY B 229 7.97 25.70 6.39
C GLY B 229 9.34 26.06 6.93
N GLN B 230 9.39 26.72 8.08
CA GLN B 230 10.65 27.12 8.68
C GLN B 230 11.52 25.90 8.97
N HIS B 231 12.82 26.05 8.72
CA HIS B 231 13.77 24.93 8.86
C HIS B 231 14.22 24.75 10.30
N HIS B 232 13.25 24.54 11.19
CA HIS B 232 13.54 24.29 12.60
C HIS B 232 13.42 22.79 12.84
N VAL B 233 14.48 22.19 13.38
CA VAL B 233 14.57 20.74 13.57
C VAL B 233 14.75 20.46 15.06
N SER B 234 13.98 19.50 15.56
CA SER B 234 14.11 19.09 16.96
C SER B 234 13.64 17.65 17.10
N VAL B 235 14.41 16.86 17.86
CA VAL B 235 13.98 15.53 18.26
C VAL B 235 13.17 15.61 19.56
N GLY B 236 12.99 16.81 20.10
CA GLY B 236 12.07 17.05 21.20
C GLY B 236 10.69 17.50 20.70
N GLY B 237 10.05 18.39 21.47
CA GLY B 237 8.70 18.82 21.14
C GLY B 237 8.60 19.30 19.70
N LEU B 238 7.49 18.98 19.04
CA LEU B 238 7.14 19.32 17.65
C LEU B 238 7.76 18.35 16.63
N GLY B 239 8.73 17.53 17.01
CA GLY B 239 9.34 16.61 16.06
C GLY B 239 9.36 15.17 16.56
N ASP B 240 9.56 15.00 17.84
CA ASP B 240 9.98 13.75 18.39
C ASP B 240 9.20 12.49 17.97
N SER B 241 7.88 12.46 18.09
CA SER B 241 7.18 11.20 17.83
C SER B 241 7.00 10.88 16.34
N PHE B 242 7.32 11.80 15.43
CA PHE B 242 7.46 11.40 14.04
C PHE B 242 8.56 10.35 13.90
N TYR B 243 9.72 10.59 14.52
CA TYR B 243 10.83 9.65 14.42
C TYR B 243 10.47 8.35 15.12
N GLU B 244 9.86 8.49 16.30
CA GLU B 244 9.37 7.34 17.06
C GLU B 244 8.47 6.45 16.20
N TYR B 245 7.55 7.07 15.46
CA TYR B 245 6.62 6.25 14.69
C TYR B 245 7.23 5.71 13.40
N LEU B 246 8.34 6.27 12.89
CA LEU B 246 9.03 5.59 11.80
C LEU B 246 9.53 4.22 12.26
N LEU B 247 10.29 4.20 13.36
CA LEU B 247 10.78 2.93 13.90
C LEU B 247 9.62 2.01 14.26
N LYS B 248 8.62 2.53 14.97
CA LYS B 248 7.56 1.66 15.48
C LYS B 248 6.65 1.15 14.38
N ALA B 249 6.50 1.91 13.27
CA ALA B 249 5.74 1.38 12.14
C ALA B 249 6.42 0.16 11.55
N TRP B 250 7.74 0.21 11.43
CA TRP B 250 8.47 -0.94 10.92
C TRP B 250 8.30 -2.13 11.85
N LEU B 251 8.48 -1.91 13.15
CA LEU B 251 8.31 -3.01 14.10
C LEU B 251 6.89 -3.55 14.10
N MET B 252 5.89 -2.66 14.09
CA MET B 252 4.50 -3.09 14.22
C MET B 252 4.00 -3.78 12.97
N SER B 253 4.67 -3.59 11.83
CA SER B 253 4.32 -4.31 10.61
C SER B 253 4.98 -5.67 10.54
N ASP B 254 5.54 -6.16 11.64
CA ASP B 254 6.34 -7.38 11.64
C ASP B 254 7.55 -7.22 10.72
N LYS B 255 8.09 -6.00 10.67
CA LYS B 255 9.28 -5.66 9.91
C LYS B 255 9.07 -5.85 8.41
N THR B 256 7.84 -5.63 7.94
CA THR B 256 7.60 -5.63 6.49
C THR B 256 7.56 -4.22 5.88
N ASP B 257 7.31 -3.17 6.67
CA ASP B 257 7.31 -1.81 6.14
C ASP B 257 8.76 -1.36 5.95
N LEU B 258 9.33 -1.73 4.81
CA LEU B 258 10.75 -1.45 4.58
C LEU B 258 11.00 0.04 4.36
N GLU B 259 9.99 0.77 3.86
CA GLU B 259 10.11 2.21 3.71
C GLU B 259 10.32 2.88 5.06
N ALA B 260 9.51 2.49 6.05
CA ALA B 260 9.66 3.03 7.40
C ALA B 260 11.05 2.72 7.96
N LYS B 261 11.52 1.50 7.72
CA LYS B 261 12.84 1.11 8.20
C LYS B 261 13.94 2.01 7.63
N LYS B 262 13.93 2.21 6.30
CA LYS B 262 14.94 3.05 5.69
C LYS B 262 14.82 4.50 6.15
N MET B 263 13.60 5.01 6.22
CA MET B 263 13.39 6.38 6.70
C MET B 263 13.93 6.55 8.10
N TYR B 264 13.66 5.59 8.99
CA TYR B 264 14.10 5.71 10.38
C TYR B 264 15.61 5.72 10.47
N PHE B 265 16.28 4.72 9.89
CA PHE B 265 17.72 4.65 10.08
C PHE B 265 18.44 5.77 9.34
N ASP B 266 17.95 6.18 8.17
CA ASP B 266 18.50 7.37 7.52
C ASP B 266 18.35 8.60 8.41
N ALA B 267 17.17 8.76 9.02
CA ALA B 267 16.91 9.92 9.85
C ALA B 267 17.80 9.94 11.07
N VAL B 268 18.00 8.78 11.70
CA VAL B 268 18.80 8.74 12.92
C VAL B 268 20.28 8.99 12.63
N GLN B 269 20.76 8.54 11.47
CA GLN B 269 22.15 8.85 11.12
C GLN B 269 22.34 10.36 10.96
N ALA B 270 21.38 11.04 10.34
CA ALA B 270 21.47 12.49 10.20
C ALA B 270 21.39 13.18 11.55
N ILE B 271 20.51 12.68 12.42
CA ILE B 271 20.41 13.23 13.77
C ILE B 271 21.73 13.10 14.51
N GLU B 272 22.39 11.94 14.39
CA GLU B 272 23.67 11.74 15.06
C GLU B 272 24.71 12.74 14.54
N THR B 273 24.79 12.87 13.22
CA THR B 273 25.80 13.71 12.61
C THR B 273 25.58 15.18 12.95
N HIS B 274 24.34 15.63 12.91
CA HIS B 274 24.04 17.05 12.95
C HIS B 274 23.59 17.58 14.31
N LEU B 275 22.97 16.72 15.14
CA LEU B 275 22.32 17.18 16.35
C LEU B 275 22.94 16.69 17.64
N ILE B 276 23.66 15.57 17.61
CA ILE B 276 24.12 14.95 18.85
C ILE B 276 25.52 15.45 19.17
N ARG B 277 25.69 15.97 20.38
CA ARG B 277 26.95 16.55 20.80
C ARG B 277 27.28 16.04 22.19
N LYS B 278 28.55 16.19 22.57
CA LYS B 278 29.02 15.80 23.89
C LYS B 278 29.48 17.04 24.64
N SER B 279 29.01 17.20 25.87
CA SER B 279 29.38 18.35 26.67
C SER B 279 30.83 18.23 27.14
N SER B 280 31.36 19.34 27.66
CA SER B 280 32.70 19.30 28.24
C SER B 280 32.77 18.31 29.39
N GLY B 281 31.69 18.19 30.16
CA GLY B 281 31.60 17.20 31.22
C GLY B 281 31.35 15.78 30.76
N GLY B 282 31.26 15.53 29.46
CA GLY B 282 31.12 14.18 28.94
C GLY B 282 29.71 13.65 28.77
N LEU B 283 28.69 14.51 28.83
CA LEU B 283 27.32 14.08 28.66
C LEU B 283 26.89 14.20 27.20
N THR B 284 26.29 13.14 26.67
CA THR B 284 25.72 13.15 25.34
C THR B 284 24.34 13.79 25.37
N TYR B 285 24.09 14.75 24.48
CA TYR B 285 22.77 15.37 24.41
C TYR B 285 22.40 15.61 22.96
N ILE B 286 21.11 15.89 22.74
CA ILE B 286 20.57 16.15 21.41
C ILE B 286 20.10 17.60 21.38
N ALA B 287 20.77 18.42 20.57
CA ALA B 287 20.51 19.85 20.48
C ALA B 287 19.43 20.14 19.45
N GLU B 288 18.91 21.37 19.48
CA GLU B 288 17.99 21.86 18.46
C GLU B 288 18.76 22.56 17.36
N TRP B 289 18.17 22.60 16.16
CA TRP B 289 18.88 23.06 14.97
C TRP B 289 17.95 23.99 14.21
N LYS B 290 18.39 25.22 13.96
CA LYS B 290 17.55 26.21 13.29
C LYS B 290 18.29 26.71 12.06
N GLY B 291 17.88 26.23 10.90
CA GLY B 291 18.56 26.63 9.66
C GLY B 291 20.05 26.42 9.69
N GLY B 292 20.50 25.32 10.31
CA GLY B 292 21.90 24.99 10.36
C GLY B 292 22.61 25.35 11.65
N LEU B 293 22.00 26.19 12.49
CA LEU B 293 22.63 26.69 13.71
C LEU B 293 22.14 25.88 14.90
N LEU B 294 23.08 25.26 15.62
CA LEU B 294 22.71 24.48 16.79
C LEU B 294 22.45 25.36 17.99
N GLU B 295 21.45 24.98 18.79
CA GLU B 295 21.21 25.56 20.11
C GLU B 295 21.43 24.45 21.12
N HIS B 296 22.33 24.67 22.07
CA HIS B 296 22.81 23.59 22.92
C HIS B 296 21.92 23.45 24.16
N LYS B 297 20.68 23.07 23.88
CA LYS B 297 19.64 22.87 24.87
C LYS B 297 18.94 21.57 24.53
N MET B 298 18.53 20.82 25.55
CA MET B 298 17.80 19.57 25.33
C MET B 298 16.56 19.59 26.19
N GLY B 299 15.47 19.02 25.67
CA GLY B 299 14.21 19.00 26.38
C GLY B 299 13.96 17.69 27.11
N HIS B 300 13.16 17.79 28.18
CA HIS B 300 12.58 16.59 28.77
C HIS B 300 11.92 15.73 27.69
N LEU B 301 11.23 16.36 26.73
CA LEU B 301 10.60 15.61 25.65
C LEU B 301 11.62 14.81 24.83
N THR B 302 12.79 15.41 24.58
CA THR B 302 13.82 14.73 23.80
C THR B 302 14.34 13.47 24.49
N CYS B 303 14.16 13.36 25.81
CA CYS B 303 14.70 12.22 26.55
C CYS B 303 14.06 10.90 26.14
N PHE B 304 12.91 10.93 25.45
CA PHE B 304 12.36 9.67 24.95
C PHE B 304 13.32 9.00 23.97
N ALA B 305 14.24 9.76 23.37
CA ALA B 305 15.06 9.23 22.29
C ALA B 305 16.00 8.13 22.78
N GLY B 306 16.35 8.14 24.07
CA GLY B 306 17.15 7.05 24.61
C GLY B 306 16.50 5.71 24.39
N GLY B 307 15.22 5.60 24.76
CA GLY B 307 14.49 4.36 24.54
C GLY B 307 14.30 4.03 23.08
N MET B 308 14.08 5.06 22.25
CA MET B 308 13.92 4.84 20.82
C MET B 308 15.18 4.24 20.21
N PHE B 309 16.33 4.85 20.49
CA PHE B 309 17.60 4.33 19.98
C PHE B 309 17.78 2.88 20.41
N ALA B 310 17.53 2.59 21.68
CA ALA B 310 17.68 1.21 22.18
C ALA B 310 16.71 0.26 21.49
N LEU B 311 15.45 0.66 21.36
CA LEU B 311 14.46 -0.21 20.74
C LEU B 311 14.82 -0.53 19.28
N GLY B 312 15.43 0.42 18.58
CA GLY B 312 15.85 0.19 17.21
C GLY B 312 17.14 -0.58 17.04
N ALA B 313 17.80 -0.96 18.14
CA ALA B 313 19.11 -1.60 18.04
C ALA B 313 19.01 -2.98 17.38
N ASP B 314 18.00 -3.76 17.76
CA ASP B 314 17.89 -5.13 17.25
C ASP B 314 17.68 -5.15 15.74
N GLY B 315 17.13 -4.09 15.16
CA GLY B 315 16.97 -4.02 13.72
C GLY B 315 18.24 -3.68 12.96
N ALA B 316 18.27 -4.09 11.69
CA ALA B 316 19.48 -3.99 10.86
C ALA B 316 19.93 -2.55 10.58
N PRO B 317 21.24 -2.35 10.36
CA PRO B 317 22.32 -3.32 10.58
C PRO B 317 22.47 -3.75 12.04
N GLU B 318 22.97 -4.96 12.25
CA GLU B 318 23.40 -5.39 13.57
C GLU B 318 24.59 -6.34 13.35
N ALA B 319 25.73 -6.02 13.95
CA ALA B 319 25.79 -4.98 14.97
C ALA B 319 26.30 -3.59 14.55
N ARG B 320 25.37 -2.78 14.06
CA ARG B 320 25.24 -1.41 14.56
C ARG B 320 24.41 -1.42 15.83
N ALA B 321 23.93 -2.60 16.21
CA ALA B 321 23.04 -2.77 17.36
C ALA B 321 23.70 -2.31 18.66
N GLN B 322 24.95 -2.70 18.88
CA GLN B 322 25.61 -2.26 20.10
C GLN B 322 25.83 -0.76 20.12
N HIS B 323 26.07 -0.16 18.95
CA HIS B 323 26.16 1.30 18.88
C HIS B 323 24.88 1.96 19.38
N TYR B 324 23.73 1.45 18.95
CA TYR B 324 22.46 2.08 19.34
C TYR B 324 22.10 1.80 20.79
N LEU B 325 22.43 0.61 21.31
CA LEU B 325 22.22 0.36 22.73
C LEU B 325 23.05 1.30 23.58
N GLU B 326 24.31 1.55 23.17
CA GLU B 326 25.18 2.44 23.93
C GLU B 326 24.73 3.89 23.82
N LEU B 327 24.27 4.30 22.62
CA LEU B 327 23.71 5.64 22.46
C LEU B 327 22.48 5.83 23.34
N GLY B 328 21.59 4.83 23.36
CA GLY B 328 20.44 4.90 24.25
C GLY B 328 20.86 5.04 25.71
N ALA B 329 21.89 4.31 26.11
CA ALA B 329 22.34 4.39 27.51
C ALA B 329 22.91 5.78 27.82
N GLU B 330 23.59 6.40 26.86
CA GLU B 330 24.17 7.72 27.11
C GLU B 330 23.09 8.79 27.23
N ILE B 331 22.03 8.69 26.41
CA ILE B 331 20.91 9.60 26.56
C ILE B 331 20.26 9.40 27.93
N ALA B 332 20.06 8.14 28.33
CA ALA B 332 19.46 7.86 29.63
C ALA B 332 20.28 8.48 30.75
N ARG B 333 21.61 8.35 30.69
CA ARG B 333 22.48 8.93 31.71
C ARG B 333 22.33 10.44 31.76
N THR B 334 22.36 11.12 30.61
CA THR B 334 22.19 12.56 30.58
C THR B 334 20.86 12.98 31.17
N CYS B 335 19.78 12.29 30.81
CA CYS B 335 18.47 12.64 31.34
C CYS B 335 18.37 12.35 32.84
N HIS B 336 18.99 11.26 33.31
CA HIS B 336 19.05 11.04 34.75
C HIS B 336 19.82 12.17 35.46
N GLU B 337 20.90 12.67 34.84
CA GLU B 337 21.61 13.79 35.44
C GLU B 337 20.71 15.03 35.53
N SER B 338 19.88 15.28 34.50
CA SER B 338 19.00 16.43 34.57
C SER B 338 17.98 16.27 35.68
N TYR B 339 17.58 15.03 35.98
CA TYR B 339 16.75 14.77 37.15
C TYR B 339 17.52 14.97 38.44
N ASN B 340 18.72 14.38 38.53
CA ASN B 340 19.42 14.33 39.81
C ASN B 340 20.00 15.68 40.22
N ARG B 341 20.13 16.64 39.28
CA ARG B 341 20.72 17.92 39.59
C ARG B 341 19.69 18.97 40.01
N THR B 342 18.44 18.58 40.18
CA THR B 342 17.41 19.47 40.70
C THR B 342 17.25 19.27 42.20
N TYR B 343 16.48 20.16 42.82
CA TYR B 343 16.16 19.97 44.23
C TYR B 343 15.17 18.84 44.41
N VAL B 344 14.13 18.80 43.58
CA VAL B 344 13.07 17.82 43.81
C VAL B 344 13.42 16.43 43.28
N LYS B 345 14.40 16.34 42.38
CA LYS B 345 14.86 15.12 41.71
C LYS B 345 13.91 14.68 40.61
N LEU B 346 13.16 15.62 40.06
CA LEU B 346 12.48 15.46 38.78
C LEU B 346 12.98 16.57 37.87
N GLY B 347 13.23 16.24 36.59
CA GLY B 347 13.96 17.12 35.72
C GLY B 347 13.13 18.25 35.14
N PRO B 348 13.81 19.30 34.67
CA PRO B 348 13.12 20.45 34.09
C PRO B 348 12.71 20.22 32.64
N GLU B 349 11.86 21.12 32.16
CA GLU B 349 11.34 20.98 30.80
C GLU B 349 12.45 21.09 29.76
N ALA B 350 13.46 21.91 30.02
CA ALA B 350 14.60 21.99 29.11
C ALA B 350 15.84 22.31 29.93
N PHE B 351 16.99 21.83 29.47
CA PHE B 351 18.23 21.98 30.21
C PHE B 351 19.37 22.23 29.23
N ARG B 352 20.34 23.01 29.69
CA ARG B 352 21.40 23.55 28.84
C ARG B 352 22.76 22.99 29.20
N PHE B 353 23.70 23.20 28.30
CA PHE B 353 25.05 22.70 28.48
C PHE B 353 26.12 23.77 28.33
N ASP B 354 25.81 24.90 27.68
CA ASP B 354 26.70 26.06 27.78
C ASP B 354 26.79 26.49 29.23
N GLY B 355 27.93 27.10 29.60
CA GLY B 355 28.08 27.59 30.96
C GLY B 355 27.96 26.50 32.02
N GLY B 356 28.25 26.84 33.28
CA GLY B 356 27.90 25.97 34.39
C GLY B 356 26.49 26.30 34.86
N VAL B 357 25.70 25.30 35.27
CA VAL B 357 26.12 23.91 35.42
C VAL B 357 25.56 23.16 34.22
N GLU B 358 26.14 22.02 33.89
CA GLU B 358 25.59 21.23 32.80
C GLU B 358 24.28 20.58 33.21
N ALA B 359 23.41 20.37 32.23
CA ALA B 359 22.15 19.64 32.40
C ALA B 359 21.26 20.31 33.44
N ILE B 360 21.25 21.64 33.49
CA ILE B 360 20.28 22.37 34.29
C ILE B 360 19.59 23.44 33.43
N ALA B 361 18.37 23.78 33.83
CA ALA B 361 17.66 24.90 33.26
C ALA B 361 18.16 26.21 33.84
N THR B 362 18.11 27.26 33.05
CA THR B 362 18.36 28.61 33.54
C THR B 362 17.18 29.54 33.37
N ARG B 363 16.40 29.39 32.29
CA ARG B 363 15.22 30.22 32.11
C ARG B 363 14.14 29.83 33.10
N GLN B 364 13.55 30.83 33.75
CA GLN B 364 12.54 30.55 34.76
C GLN B 364 11.38 29.75 34.18
N ASN B 365 10.97 30.08 32.96
CA ASN B 365 9.82 29.41 32.35
C ASN B 365 10.15 28.03 31.79
N GLU B 366 11.37 27.52 32.02
CA GLU B 366 11.75 26.18 31.59
C GLU B 366 12.06 25.26 32.77
N LYS B 367 11.77 25.68 33.99
CA LYS B 367 12.08 24.90 35.17
C LYS B 367 10.94 24.02 35.65
N TYR B 368 9.86 23.92 34.89
CA TYR B 368 8.68 23.21 35.37
C TYR B 368 8.76 21.71 35.05
N TYR B 369 7.92 20.94 35.75
CA TYR B 369 7.77 19.51 35.51
C TYR B 369 6.28 19.19 35.57
N ILE B 370 5.69 18.77 34.43
CA ILE B 370 4.26 18.51 34.39
C ILE B 370 3.98 17.01 34.29
N LEU B 371 4.59 16.23 35.18
CA LEU B 371 4.29 14.81 35.35
C LEU B 371 4.66 13.98 34.12
N ARG B 372 5.64 14.46 33.35
CA ARG B 372 5.91 13.87 32.05
C ARG B 372 6.59 12.51 32.18
N PRO B 373 6.42 11.63 31.16
CA PRO B 373 6.91 10.24 31.26
C PRO B 373 8.21 9.92 30.56
N GLU B 374 8.80 10.85 29.78
CA GLU B 374 9.76 10.44 28.76
C GLU B 374 11.03 9.86 29.38
N VAL B 375 11.42 10.33 30.55
CA VAL B 375 12.65 9.79 31.13
C VAL B 375 12.38 8.40 31.68
N ILE B 376 11.24 8.22 32.34
CA ILE B 376 10.88 6.91 32.84
C ILE B 376 10.63 5.95 31.67
N GLU B 377 10.03 6.45 30.59
CA GLU B 377 9.86 5.66 29.36
C GLU B 377 11.22 5.12 28.89
N THR B 378 12.23 5.98 28.85
CA THR B 378 13.56 5.55 28.44
C THR B 378 14.15 4.54 29.43
N TYR B 379 13.95 4.76 30.73
CA TYR B 379 14.42 3.79 31.71
C TYR B 379 13.82 2.41 31.47
N MET B 380 12.55 2.36 31.08
N MET B 380 12.55 2.35 31.08
CA MET B 380 11.88 1.08 30.87
CA MET B 380 11.90 1.06 30.88
C MET B 380 12.52 0.31 29.72
C MET B 380 12.52 0.30 29.72
N TYR B 381 12.73 0.98 28.59
CA TYR B 381 13.37 0.31 27.46
C TYR B 381 14.78 -0.12 27.83
N MET B 382 15.52 0.74 28.54
CA MET B 382 16.89 0.39 28.88
C MET B 382 16.93 -0.80 29.82
N TRP B 383 16.01 -0.83 30.79
CA TRP B 383 15.94 -1.99 31.68
C TRP B 383 15.62 -3.26 30.90
N ARG B 384 14.61 -3.20 30.02
CA ARG B 384 14.15 -4.41 29.35
C ARG B 384 15.15 -4.91 28.33
N LEU B 385 15.97 -4.01 27.77
CA LEU B 385 16.93 -4.36 26.74
C LEU B 385 18.35 -4.55 27.25
N THR B 386 18.63 -4.25 28.53
CA THR B 386 19.95 -4.44 29.10
C THR B 386 19.89 -5.21 30.41
N HIS B 387 18.79 -5.03 31.15
CA HIS B 387 18.63 -5.51 32.54
C HIS B 387 19.76 -5.03 33.44
N ASP B 388 20.29 -3.86 33.15
CA ASP B 388 21.22 -3.20 34.06
C ASP B 388 20.44 -2.67 35.27
N PRO B 389 20.76 -3.09 36.50
CA PRO B 389 19.90 -2.72 37.65
C PRO B 389 19.83 -1.22 37.90
N LYS B 390 20.80 -0.44 37.42
CA LYS B 390 20.76 1.01 37.63
C LYS B 390 19.50 1.64 37.05
N TYR B 391 18.92 1.06 35.99
CA TYR B 391 17.70 1.65 35.46
C TYR B 391 16.52 1.50 36.42
N ARG B 392 16.46 0.39 37.15
CA ARG B 392 15.46 0.28 38.22
C ARG B 392 15.78 1.21 39.38
N THR B 393 17.07 1.34 39.73
CA THR B 393 17.46 2.29 40.77
C THR B 393 17.04 3.71 40.40
N TRP B 394 17.31 4.12 39.16
CA TRP B 394 16.94 5.47 38.73
C TRP B 394 15.43 5.64 38.67
N ALA B 395 14.71 4.61 38.21
CA ALA B 395 13.25 4.68 38.21
C ALA B 395 12.70 4.86 39.62
N TRP B 396 13.26 4.14 40.59
CA TRP B 396 12.75 4.27 41.96
C TRP B 396 13.06 5.65 42.54
N GLU B 397 14.21 6.24 42.19
CA GLU B 397 14.49 7.61 42.61
C GLU B 397 13.38 8.55 42.15
N ALA B 398 12.89 8.38 40.91
CA ALA B 398 11.79 9.20 40.41
C ALA B 398 10.51 8.94 41.18
N VAL B 399 10.25 7.67 41.53
CA VAL B 399 9.06 7.37 42.34
C VAL B 399 9.09 8.14 43.66
N GLU B 400 10.23 8.09 44.36
CA GLU B 400 10.31 8.78 45.64
C GLU B 400 10.16 10.28 45.49
N ALA B 401 10.68 10.84 44.39
CA ALA B 401 10.51 12.27 44.12
C ALA B 401 9.04 12.61 43.84
N LEU B 402 8.35 11.79 43.04
CA LEU B 402 6.93 12.00 42.80
C LEU B 402 6.14 12.00 44.10
N GLU B 403 6.46 11.08 45.00
CA GLU B 403 5.68 10.97 46.23
C GLU B 403 5.93 12.16 47.16
N SER B 404 7.17 12.66 47.18
CA SER B 404 7.52 13.75 48.08
C SER B 404 7.06 15.12 47.59
N HIS B 405 6.89 15.31 46.28
CA HIS B 405 6.73 16.66 45.77
C HIS B 405 5.51 16.86 44.89
N CYS B 406 5.02 15.79 44.24
CA CYS B 406 3.87 15.91 43.34
C CYS B 406 2.59 15.33 43.92
N ARG B 407 2.68 14.37 44.83
CA ARG B 407 1.49 13.83 45.46
C ARG B 407 0.87 14.84 46.42
N VAL B 408 -0.43 15.09 46.25
CA VAL B 408 -1.18 15.96 47.14
C VAL B 408 -2.42 15.19 47.58
N ASN B 409 -3.15 15.78 48.54
CA ASN B 409 -4.34 15.10 49.05
C ASN B 409 -5.30 14.76 47.91
N GLY B 410 -5.40 15.64 46.91
CA GLY B 410 -6.38 15.45 45.86
C GLY B 410 -5.88 14.82 44.59
N GLY B 411 -4.70 14.20 44.63
CA GLY B 411 -4.13 13.58 43.44
C GLY B 411 -2.65 13.81 43.24
N TYR B 412 -2.25 14.06 42.00
CA TYR B 412 -0.87 14.42 41.64
C TYR B 412 -0.91 15.73 40.87
N SER B 413 0.01 16.62 41.20
CA SER B 413 0.13 17.92 40.54
C SER B 413 1.52 18.11 39.96
N GLY B 414 1.59 18.81 38.83
CA GLY B 414 2.86 19.27 38.33
C GLY B 414 3.43 20.40 39.17
N LEU B 415 4.68 20.75 38.85
CA LEU B 415 5.45 21.72 39.62
C LEU B 415 5.97 22.81 38.69
N ARG B 416 6.10 24.03 39.22
CA ARG B 416 6.58 25.13 38.40
C ARG B 416 8.09 25.32 38.46
N ASP B 417 8.76 24.84 39.51
CA ASP B 417 10.19 25.10 39.66
C ASP B 417 10.79 23.93 40.44
N VAL B 418 11.46 23.03 39.72
CA VAL B 418 12.06 21.85 40.35
C VAL B 418 13.34 22.17 41.11
N TYR B 419 13.77 23.43 41.13
CA TYR B 419 15.03 23.80 41.78
C TYR B 419 14.83 24.46 43.14
N ILE B 420 13.59 24.68 43.59
CA ILE B 420 13.35 25.29 44.88
C ILE B 420 12.71 24.26 45.82
N ALA B 421 12.91 24.46 47.12
CA ALA B 421 12.39 23.53 48.11
C ALA B 421 10.89 23.67 48.30
N ARG B 422 10.37 24.88 48.17
CA ARG B 422 8.98 25.16 48.51
C ARG B 422 8.06 24.83 47.33
N GLU B 423 6.89 24.28 47.66
CA GLU B 423 5.94 23.77 46.67
C GLU B 423 5.51 24.85 45.69
N SER B 424 5.20 24.44 44.47
CA SER B 424 4.80 25.36 43.42
C SER B 424 3.86 24.62 42.46
N TYR B 425 2.67 24.25 42.95
CA TYR B 425 1.78 23.35 42.25
C TYR B 425 1.04 24.04 41.09
N ASP B 426 1.04 23.41 39.92
CA ASP B 426 0.28 23.97 38.80
C ASP B 426 -1.18 23.53 38.81
N ASP B 427 -1.57 22.61 39.69
CA ASP B 427 -2.97 22.22 39.87
C ASP B 427 -3.54 21.53 38.63
N VAL B 428 -2.73 20.69 37.97
CA VAL B 428 -3.25 19.88 36.86
C VAL B 428 -2.70 18.46 36.98
N GLN B 429 -3.59 17.48 37.01
CA GLN B 429 -3.20 16.07 36.94
C GLN B 429 -3.36 15.64 35.48
N GLN B 430 -2.25 15.67 34.74
CA GLN B 430 -2.27 15.33 33.33
C GLN B 430 -2.70 13.88 33.13
N SER B 431 -3.55 13.63 32.12
CA SER B 431 -4.00 12.25 31.94
C SER B 431 -2.84 11.33 31.56
N PHE B 432 -1.79 11.87 30.93
CA PHE B 432 -0.66 11.02 30.59
C PHE B 432 0.12 10.57 31.82
N PHE B 433 -0.12 11.17 32.99
CA PHE B 433 0.48 10.59 34.19
C PHE B 433 -0.10 9.19 34.44
N LEU B 434 -1.39 9.01 34.20
CA LEU B 434 -2.02 7.70 34.42
C LEU B 434 -1.80 6.77 33.23
N ALA B 435 -1.82 7.32 32.01
CA ALA B 435 -1.59 6.47 30.83
C ALA B 435 -0.13 6.02 30.76
N GLU B 436 0.80 6.91 31.03
CA GLU B 436 2.20 6.67 30.69
C GLU B 436 3.08 6.53 31.93
N THR B 437 3.17 7.60 32.72
CA THR B 437 4.19 7.65 33.75
C THR B 437 4.04 6.48 34.71
N LEU B 438 2.81 6.23 35.15
CA LEU B 438 2.57 5.12 36.07
C LEU B 438 2.60 3.77 35.37
N LYS B 439 2.17 3.69 34.11
CA LYS B 439 2.24 2.39 33.42
C LYS B 439 3.70 1.97 33.23
N TYR B 440 4.55 2.89 32.78
CA TYR B 440 5.94 2.54 32.53
C TYR B 440 6.65 2.18 33.84
N LEU B 441 6.35 2.90 34.92
CA LEU B 441 6.88 2.52 36.23
C LEU B 441 6.41 1.14 36.64
N TYR B 442 5.13 0.84 36.46
CA TYR B 442 4.63 -0.49 36.83
C TYR B 442 5.32 -1.58 36.02
N LEU B 443 5.52 -1.34 34.71
CA LEU B 443 6.17 -2.34 33.88
C LEU B 443 7.65 -2.50 34.23
N ILE B 444 8.32 -1.40 34.59
CA ILE B 444 9.72 -1.48 35.00
C ILE B 444 9.88 -2.46 36.15
N PHE B 445 8.94 -2.46 37.09
CA PHE B 445 9.00 -3.33 38.24
C PHE B 445 8.15 -4.59 38.08
N SER B 446 7.85 -4.98 36.84
CA SER B 446 7.23 -6.25 36.50
C SER B 446 8.27 -7.15 35.83
N ASP B 447 7.89 -8.40 35.58
CA ASP B 447 8.72 -9.26 34.74
C ASP B 447 8.67 -8.78 33.29
N ASP B 448 9.66 -9.24 32.52
CA ASP B 448 9.76 -8.87 31.11
C ASP B 448 8.55 -9.31 30.29
N ASP B 449 7.87 -10.38 30.72
CA ASP B 449 6.84 -10.96 29.87
C ASP B 449 5.45 -10.38 30.12
N LEU B 450 5.36 -9.32 30.92
CA LEU B 450 4.14 -8.51 30.99
C LEU B 450 4.21 -7.47 29.88
N LEU B 451 3.31 -7.57 28.90
CA LEU B 451 3.38 -6.77 27.69
C LEU B 451 4.77 -6.84 27.06
N PRO B 452 5.22 -8.01 26.63
CA PRO B 452 6.58 -8.15 26.14
C PRO B 452 6.78 -7.35 24.86
N LEU B 453 7.92 -6.66 24.79
CA LEU B 453 8.24 -5.84 23.62
C LEU B 453 8.26 -6.66 22.33
N GLU B 454 8.45 -7.98 22.44
CA GLU B 454 8.43 -8.84 21.25
C GLU B 454 7.07 -8.85 20.58
N HIS B 455 5.99 -8.58 21.31
CA HIS B 455 4.64 -8.72 20.80
C HIS B 455 3.82 -7.45 20.87
N TRP B 456 4.30 -6.41 21.54
CA TRP B 456 3.53 -5.19 21.77
C TRP B 456 4.40 -4.00 21.43
N ILE B 457 3.84 -3.10 20.63
CA ILE B 457 4.46 -1.81 20.31
C ILE B 457 3.64 -0.75 21.02
N PHE B 458 4.29 0.07 21.83
CA PHE B 458 3.57 1.13 22.53
C PHE B 458 3.37 2.33 21.62
N ASN B 459 2.14 2.83 21.57
CA ASN B 459 1.93 4.12 20.91
C ASN B 459 2.56 5.22 21.76
N THR B 460 2.51 6.47 21.28
CA THR B 460 3.28 7.52 21.93
C THR B 460 2.62 8.00 23.23
N GLU B 461 1.45 7.48 23.55
CA GLU B 461 0.78 7.69 24.84
C GLU B 461 0.76 6.39 25.66
N ALA B 462 1.75 5.53 25.43
CA ALA B 462 1.94 4.28 26.18
C ALA B 462 0.76 3.33 26.02
N HIS B 463 0.08 3.37 24.89
CA HIS B 463 -1.01 2.44 24.68
C HIS B 463 -0.51 1.28 23.82
N PRO B 464 -0.42 0.07 24.37
CA PRO B 464 0.21 -1.04 23.64
C PRO B 464 -0.68 -1.58 22.52
N PHE B 465 -0.09 -1.76 21.35
CA PHE B 465 -0.73 -2.35 20.19
C PHE B 465 -0.04 -3.63 19.79
N PRO B 466 -0.77 -4.65 19.37
CA PRO B 466 -0.14 -5.88 18.91
C PRO B 466 0.47 -5.70 17.53
N ILE B 467 1.46 -6.55 17.25
CA ILE B 467 2.08 -6.56 15.93
C ILE B 467 1.11 -7.14 14.91
N LEU B 468 1.03 -6.51 13.74
CA LEU B 468 0.14 -6.95 12.67
C LEU B 468 0.90 -7.88 11.72
N ARG B 469 0.46 -9.13 11.65
CA ARG B 469 1.04 -10.11 10.72
C ARG B 469 -0.03 -11.06 10.20
#